data_7W56
#
_entry.id   7W56
#
_cell.length_a   1.00
_cell.length_b   1.00
_cell.length_c   1.00
_cell.angle_alpha   90.00
_cell.angle_beta   90.00
_cell.angle_gamma   90.00
#
_symmetry.space_group_name_H-M   'P 1'
#
loop_
_entity.id
_entity.type
_entity.pdbx_description
1 polymer 'Guanine nucleotide-binding protein G(q) subunit alpha'
2 polymer 'Guanine nucleotide-binding protein G(I)/G(S)/G(T) subunit beta-1'
3 polymer Neuromedin-S
4 polymer scFv16
5 polymer 'Guanine nucleotide-binding protein G(I)/G(S)/G(O) subunit gamma-2'
6 polymer 'Neuromedin U Receptor 1'
#
loop_
_entity_poly.entity_id
_entity_poly.type
_entity_poly.pdbx_seq_one_letter_code
_entity_poly.pdbx_strand_id
1 'polypeptide(L)'
;MGCTLSAEDKAAVERSKMIEKQLQKDKQVYRRTLRLLLLGADNSGKSTIVKQMRIYHVNGYSEEECKQYKAVVYSNTIQS
IIAIIRAMGRLKIDFGDSARADDARQLFVLAGAAEEGFMTAELAGVIKRLWKDSGVQACFNRSREYQLNDSAAYYLNDLD
RIAQPNYIPTQQDVLRTRVKTSGIFETKFQVDKVNFHMFDVGAQRDERRKWIQCFNDVTAIIFVVDSSDYNRLQEALNDF
KSIWNNRWLRTISVILFLNKQDLLAEKVLAGKSKIEDYFPEFARYTTPEDATPEPGEDPRVTRAKYFIRKEFVDISTASG
DGRHICYPHFTCSVDTENARRIFNDCKDIILQMNLREYNLV
;
A
2 'polypeptide(L)'
;MGSLLQSELDQLRQEAEQLKNQIRDARKACADATLSQITNNIDPVGRIQMRTRRTLRGHLAKIYAMHWGTDSRLLVSASQ
DGKLIIWDSYTTNKVHAIPLRSSWVMTCAYAPSGNYVACGGLDNICSIYNLKTREGNVRVSRELAGHTGYLSCCRFLDDN
QIVTSSGDTTCALWDIETGQQTTTFTGHTGDVMSLSLAPDTRLFVSGACDASAKLWDVREGMCRQTFTGHESDINAICFF
PNGNAFATGSDDATCRLFDLRADQELMTYSHDNIICGITSVSFSKSGRLLLAGYDDFNCNVWDALKADRAGVLAGHDNRV
SCLGVTDDGMAVATGSWDSFLKIWNGSSGGGGSGGGGSSGVSGWRLFKKIS
;
B
3 'polypeptide(L)' ILQRGSGTAAVDFTKKDHTATWGRPFFLFRPRNQ C
4 'polypeptide(L)'
;DVQLVESGGGLVQPGGSRKLSCSASGFAFSSFGMHWVRQAPEKGLEWVAYISSGSGTIYYADTVKGRFTISRDDPKNTLF
LQMTSLRSEDTAMYYCVRSIYYYGSSPFDFWGQGTTLTVSSGGGGSGGGGSGGGSSDIVMTQATSSVPVTPGESVSISCR
SSKSLLHSNGNTYLYWFLQRPGQSPQLLIYRMSNLASGVPDRFSGSGSGTAFTLTISRLEAEDVGVYYCMQHLEYPLTFG
AGTKLELK
;
E
5 'polypeptide(L)' ASNNTASIAQARKLVEQLKMEANIDRIKVSKAAADLMAYCEAHAKEDPLLTPVPASENPFREKKFFCAIL G
6 'polypeptide(L)'
;MKTIIALSYIFCLVFADYKDDDDAKLQTMHHHHHHHHHHADLEDNWETLNDNLKVIEKADNAAQVKDALTKMRAAALDAQ
KATPPKLEDKSPDSPEMKDFRHGFDILVGQIDDALKLANEGKVKEAQAAAEQLKTTRNAYIQKYLASENLYFQGGTMTPL
CLNCSVLPGDLYPGGARNPMACNGSAARGHFDPEDLNLTDEALRLKYLGPQQTELFMPICATYLLIFVVGAVGNGLTCLV
ILRHKAMRTPTNYYLFSLAVSDLLVLLVGLPLELYEMWHNYPFLLGVGGCYFRTLLFEMVCLASVLNVTALSVERYVAVV
HPLQARSMVTRAHVRRVLGAVWGLAMLCSLPNTSLHGIRQLHVPCRGPVPDSAVCMLVRPRALYNMVVQTTALLFFCLPM
AIMSVLYLLIGLRLRRERLLLMQEAKGRGSAAARSRYTCRLQQHDRGRRQVTKMLFVLVVVFGICWAPFHADRVMWSVVS
QWTDGLHLAFQHVHVISGIFFYLGSAANPVLYSLMSSRFRETFQEALCLGACCHRLRPRHSSHSLSRMTTGSTLCDVGSL
GSWVHPLAGNDGPEAQQETDPSGSSGGGGSGGGGSSGVFTLEDFVGDWEQTAAYNLDQVLEQGGVSSLLQNLAVSVTPIQ
RIVRSGENALKIDIHVIIPYEGLSADQMAQIEEVFKVVYPVDDHHFKVILPYGTLVIDGVTPNMLNYFGRPYEGIAVFDG
KKITVTGTLWNGNKIIDERLITPDGSMLFRVTINS
;
R
#
# COMPACT_ATOMS: atom_id res chain seq x y z
N LEU A 5 -11.90 -10.24 -22.47
CA LEU A 5 -10.78 -11.03 -21.86
C LEU A 5 -10.74 -12.44 -22.43
N SER A 6 -9.58 -12.82 -22.94
CA SER A 6 -9.41 -14.16 -23.45
C SER A 6 -9.51 -15.18 -22.32
N ALA A 7 -9.47 -16.46 -22.70
CA ALA A 7 -9.57 -17.52 -21.69
C ALA A 7 -8.46 -17.40 -20.65
N GLU A 8 -7.26 -17.03 -21.08
CA GLU A 8 -6.14 -16.94 -20.15
C GLU A 8 -6.25 -15.70 -19.27
N ASP A 9 -6.72 -14.59 -19.82
CA ASP A 9 -6.81 -13.36 -19.03
C ASP A 9 -7.83 -13.51 -17.91
N LYS A 10 -8.94 -14.20 -18.16
CA LYS A 10 -9.91 -14.43 -17.10
C LYS A 10 -9.29 -15.22 -15.96
N ALA A 11 -8.52 -16.26 -16.26
CA ALA A 11 -7.88 -17.03 -15.21
C ALA A 11 -6.82 -16.21 -14.49
N ALA A 12 -6.10 -15.35 -15.21
CA ALA A 12 -5.16 -14.45 -14.55
C ALA A 12 -5.88 -13.53 -13.58
N VAL A 13 -7.04 -13.02 -13.97
CA VAL A 13 -7.82 -12.18 -13.06
C VAL A 13 -8.34 -12.99 -11.88
N GLU A 14 -8.69 -14.25 -12.09
CA GLU A 14 -9.08 -15.10 -10.96
C GLU A 14 -7.92 -15.25 -9.99
N ARG A 15 -6.72 -15.46 -10.51
CA ARG A 15 -5.53 -15.56 -9.65
C ARG A 15 -5.31 -14.26 -8.89
N SER A 16 -5.46 -13.13 -9.57
CA SER A 16 -5.32 -11.83 -8.91
C SER A 16 -6.35 -11.68 -7.81
N LYS A 17 -7.58 -12.13 -8.04
CA LYS A 17 -8.62 -12.02 -7.02
C LYS A 17 -8.32 -12.91 -5.83
N MET A 18 -7.79 -14.10 -6.06
CA MET A 18 -7.41 -14.95 -4.93
C MET A 18 -6.25 -14.34 -4.15
N ILE A 19 -5.30 -13.71 -4.85
CA ILE A 19 -4.22 -13.02 -4.16
C ILE A 19 -4.77 -11.86 -3.35
N GLU A 20 -5.75 -11.14 -3.89
CA GLU A 20 -6.40 -10.08 -3.12
C GLU A 20 -7.09 -10.64 -1.88
N LYS A 21 -7.72 -11.81 -2.01
CA LYS A 21 -8.33 -12.44 -0.86
C LYS A 21 -7.30 -12.73 0.22
N GLN A 22 -6.14 -13.27 -0.17
CA GLN A 22 -5.08 -13.51 0.80
C GLN A 22 -4.59 -12.21 1.41
N LEU A 23 -4.45 -11.16 0.59
CA LEU A 23 -3.98 -9.88 1.10
C LEU A 23 -4.96 -9.28 2.10
N GLN A 24 -6.27 -9.45 1.89
CA GLN A 24 -7.23 -8.98 2.88
C GLN A 24 -7.20 -9.85 4.14
N LYS A 25 -7.11 -11.17 3.95
CA LYS A 25 -7.10 -12.08 5.09
C LYS A 25 -5.91 -11.84 6.00
N ASP A 26 -4.77 -11.43 5.44
CA ASP A 26 -3.61 -11.10 6.26
C ASP A 26 -3.54 -9.61 6.59
N LYS A 27 -4.29 -8.76 5.89
CA LYS A 27 -4.46 -7.38 6.33
C LYS A 27 -5.19 -7.32 7.66
N GLN A 28 -6.21 -8.15 7.83
CA GLN A 28 -6.90 -8.18 9.11
C GLN A 28 -5.92 -8.47 10.24
N VAL A 29 -5.08 -9.49 10.06
CA VAL A 29 -4.11 -9.83 11.10
C VAL A 29 -3.11 -8.69 11.30
N TYR A 30 -2.61 -8.12 10.21
CA TYR A 30 -1.62 -7.06 10.32
C TYR A 30 -2.16 -5.89 11.12
N ARG A 31 -3.41 -5.49 10.85
CA ARG A 31 -4.00 -4.37 11.56
C ARG A 31 -4.44 -4.72 12.97
N ARG A 32 -4.65 -6.01 13.28
CA ARG A 32 -4.92 -6.41 14.65
C ARG A 32 -3.67 -6.51 15.50
N THR A 33 -2.50 -6.64 14.90
CA THR A 33 -1.25 -6.76 15.65
C THR A 33 -0.72 -5.37 16.00
N LEU A 34 -0.09 -5.27 17.16
CA LEU A 34 0.56 -4.04 17.60
C LEU A 34 2.05 -4.20 17.44
N ARG A 35 2.66 -3.29 16.67
CA ARG A 35 4.09 -3.34 16.39
C ARG A 35 4.84 -2.55 17.44
N LEU A 36 5.94 -3.12 17.93
CA LEU A 36 6.77 -2.48 18.95
C LEU A 36 8.22 -2.52 18.50
N LEU A 37 8.95 -1.43 18.74
CA LEU A 37 10.38 -1.37 18.47
C LEU A 37 11.11 -1.35 19.79
N LEU A 38 12.03 -2.29 19.96
CA LEU A 38 12.78 -2.47 21.20
C LEU A 38 14.20 -1.94 21.00
N LEU A 39 14.58 -0.96 21.81
CA LEU A 39 15.88 -0.32 21.71
C LEU A 39 16.54 -0.31 23.07
N GLY A 40 17.86 -0.17 23.05
CA GLY A 40 18.64 -0.12 24.27
C GLY A 40 20.05 -0.60 24.03
N ALA A 41 20.97 -0.09 24.84
CA ALA A 41 22.37 -0.45 24.70
C ALA A 41 22.58 -1.90 25.12
N ASP A 42 23.78 -2.41 24.81
CA ASP A 42 24.12 -3.78 25.20
C ASP A 42 24.11 -3.95 26.71
N ASN A 43 24.37 -2.88 27.47
CA ASN A 43 24.32 -2.97 28.92
C ASN A 43 22.91 -3.20 29.43
N SER A 44 21.91 -2.92 28.61
CA SER A 44 20.51 -2.98 29.00
C SER A 44 19.93 -4.35 28.66
N GLY A 45 19.07 -4.85 29.53
CA GLY A 45 18.59 -6.22 29.42
C GLY A 45 17.48 -6.45 28.43
N LYS A 46 17.60 -5.93 27.21
CA LYS A 46 16.65 -6.29 26.16
C LYS A 46 16.56 -7.81 26.05
N SER A 47 17.71 -8.48 26.05
CA SER A 47 17.73 -9.93 25.91
C SER A 47 16.99 -10.59 27.06
N THR A 48 17.16 -10.06 28.28
CA THR A 48 16.47 -10.64 29.42
C THR A 48 14.96 -10.47 29.31
N ILE A 49 14.51 -9.28 28.90
CA ILE A 49 13.08 -9.05 28.75
C ILE A 49 12.51 -9.99 27.70
N VAL A 50 13.20 -10.12 26.56
CA VAL A 50 12.66 -10.97 25.49
C VAL A 50 12.66 -12.44 25.91
N LYS A 51 13.67 -12.87 26.67
CA LYS A 51 13.68 -14.25 27.15
C LYS A 51 12.57 -14.47 28.19
N GLN A 52 12.19 -13.43 28.93
CA GLN A 52 11.07 -13.49 29.85
C GLN A 52 9.72 -13.35 29.15
N MET A 53 9.70 -13.35 27.82
CA MET A 53 8.47 -13.16 27.07
C MET A 53 8.40 -14.13 25.90
N THR A 181 18.76 -13.67 9.67
CA THR A 181 18.29 -12.31 9.90
C THR A 181 18.93 -11.71 11.14
N SER A 182 20.26 -11.76 11.21
CA SER A 182 20.98 -11.24 12.35
C SER A 182 20.72 -9.76 12.58
N GLY A 183 20.26 -9.05 11.55
CA GLY A 183 20.02 -7.62 11.70
C GLY A 183 18.81 -7.29 12.56
N ILE A 184 17.78 -8.12 12.54
CA ILE A 184 16.52 -7.80 13.21
C ILE A 184 15.90 -9.08 13.73
N PHE A 185 15.42 -9.03 14.97
CA PHE A 185 14.77 -10.17 15.62
C PHE A 185 13.31 -9.80 15.87
N GLU A 186 12.40 -10.59 15.29
CA GLU A 186 10.97 -10.39 15.49
C GLU A 186 10.49 -11.34 16.58
N THR A 187 10.42 -10.86 17.82
CA THR A 187 9.76 -11.57 18.89
C THR A 187 8.26 -11.37 18.79
N LYS A 188 7.49 -12.39 19.14
CA LYS A 188 6.04 -12.29 19.18
C LYS A 188 5.54 -12.79 20.51
N PHE A 189 4.56 -12.07 21.07
CA PHE A 189 3.95 -12.47 22.33
C PHE A 189 2.52 -11.96 22.33
N GLN A 190 1.70 -12.56 23.19
CA GLN A 190 0.27 -12.29 23.20
C GLN A 190 -0.20 -12.06 24.63
N VAL A 191 -0.97 -10.99 24.83
CA VAL A 191 -1.60 -10.70 26.10
C VAL A 191 -3.08 -10.43 25.85
N ASP A 192 -3.94 -11.14 26.58
CA ASP A 192 -5.38 -10.98 26.46
C ASP A 192 -5.84 -11.02 25.01
N LYS A 193 -5.28 -11.95 24.25
CA LYS A 193 -5.68 -12.21 22.87
C LYS A 193 -5.43 -11.01 21.96
N VAL A 194 -4.48 -10.14 22.32
CA VAL A 194 -4.00 -9.08 21.43
C VAL A 194 -2.55 -9.40 21.09
N ASN A 195 -2.26 -9.52 19.79
CA ASN A 195 -0.95 -9.95 19.33
C ASN A 195 0.02 -8.79 19.33
N PHE A 196 1.23 -9.04 19.85
CA PHE A 196 2.30 -8.05 19.87
C PHE A 196 3.47 -8.55 19.04
N HIS A 197 3.94 -7.72 18.12
CA HIS A 197 5.20 -7.93 17.42
C HIS A 197 6.24 -7.00 18.02
N MET A 198 7.38 -7.55 18.41
CA MET A 198 8.45 -6.78 19.04
C MET A 198 9.72 -6.97 18.25
N PHE A 199 10.22 -5.90 17.64
CA PHE A 199 11.39 -5.95 16.77
C PHE A 199 12.59 -5.38 17.51
N ASP A 200 13.66 -6.18 17.60
CA ASP A 200 14.91 -5.75 18.17
C ASP A 200 15.94 -5.64 17.04
N VAL A 201 16.45 -4.44 16.82
CA VAL A 201 17.41 -4.20 15.75
C VAL A 201 18.80 -4.53 16.30
N GLY A 202 19.40 -5.58 15.76
CA GLY A 202 20.64 -6.10 16.29
C GLY A 202 21.87 -5.60 15.56
N ALA A 203 22.44 -6.45 14.71
CA ALA A 203 23.74 -6.17 14.11
C ALA A 203 23.65 -5.09 13.05
N GLN A 204 23.30 -3.87 13.46
CA GLN A 204 23.25 -2.72 12.58
C GLN A 204 24.08 -1.59 13.18
N ARG A 205 24.76 -0.86 12.32
CA ARG A 205 25.66 0.19 12.79
C ARG A 205 24.90 1.22 13.61
N ASP A 206 25.61 1.88 14.53
CA ASP A 206 24.99 2.75 15.51
C ASP A 206 24.46 4.06 14.95
N GLU A 207 24.79 4.42 13.70
CA GLU A 207 24.27 5.66 13.11
C GLU A 207 22.79 5.45 12.79
N ARG A 208 21.98 5.49 13.85
CA ARG A 208 20.59 5.08 13.77
C ARG A 208 19.80 5.92 12.77
N ARG A 209 20.26 7.12 12.46
CA ARG A 209 19.44 8.12 11.77
C ARG A 209 18.61 7.54 10.63
N LYS A 210 19.16 6.57 9.90
CA LYS A 210 18.55 6.15 8.64
C LYS A 210 17.42 5.15 8.86
N TRP A 211 17.73 3.96 9.38
CA TRP A 211 16.73 2.90 9.41
C TRP A 211 15.59 3.20 10.36
N ILE A 212 15.73 4.18 11.25
CA ILE A 212 14.65 4.56 12.15
C ILE A 212 13.47 5.17 11.41
N GLN A 213 13.66 5.58 10.16
CA GLN A 213 12.54 6.05 9.35
C GLN A 213 11.48 4.98 9.20
N CYS A 214 11.88 3.71 9.11
CA CYS A 214 10.94 2.64 8.83
C CYS A 214 9.88 2.55 9.92
N PHE A 215 10.28 2.71 11.17
CA PHE A 215 9.40 2.51 12.31
C PHE A 215 8.57 3.73 12.65
N ASN A 216 8.33 4.61 11.69
CA ASN A 216 7.46 5.77 11.87
C ASN A 216 6.00 5.39 12.13
N ASP A 217 5.64 4.10 12.01
CA ASP A 217 4.26 3.66 12.03
C ASP A 217 4.13 2.48 12.98
N VAL A 218 4.66 2.63 14.20
CA VAL A 218 4.64 1.57 15.21
C VAL A 218 3.88 2.10 16.41
N THR A 219 3.30 1.16 17.18
CA THR A 219 2.47 1.56 18.32
C THR A 219 3.29 2.20 19.42
N ALA A 220 4.50 1.70 19.66
CA ALA A 220 5.33 2.29 20.71
C ALA A 220 6.78 1.89 20.49
N ILE A 221 7.67 2.68 21.08
CA ILE A 221 9.07 2.35 21.19
C ILE A 221 9.33 1.92 22.62
N ILE A 222 9.80 0.68 22.80
CA ILE A 222 10.15 0.20 24.12
C ILE A 222 11.62 0.47 24.33
N PHE A 223 11.93 1.44 25.17
CA PHE A 223 13.30 1.85 25.44
C PHE A 223 13.72 1.29 26.79
N VAL A 224 14.79 0.50 26.81
CA VAL A 224 15.28 -0.13 28.01
C VAL A 224 16.63 0.47 28.35
N VAL A 225 16.79 0.91 29.60
CA VAL A 225 18.02 1.52 30.08
C VAL A 225 18.45 0.82 31.36
N ASP A 226 19.74 0.53 31.47
CA ASP A 226 20.29 -0.12 32.66
C ASP A 226 20.39 0.90 33.77
N SER A 227 19.60 0.72 34.84
CA SER A 227 19.53 1.68 35.91
C SER A 227 20.69 1.60 36.89
N SER A 228 21.55 0.58 36.78
CA SER A 228 22.73 0.50 37.64
C SER A 228 23.66 1.63 37.24
N ASP A 229 23.63 2.71 38.03
CA ASP A 229 24.17 3.98 37.58
C ASP A 229 25.66 3.90 37.32
N TYR A 230 26.07 4.46 36.20
CA TYR A 230 27.48 4.68 35.87
C TYR A 230 27.52 5.76 34.80
N ASN A 231 28.69 6.00 34.22
CA ASN A 231 28.75 6.91 33.08
C ASN A 231 27.89 6.42 31.94
N ARG A 232 27.55 5.13 31.91
CA ARG A 232 26.68 4.62 30.86
C ARG A 232 25.35 5.34 30.82
N LEU A 233 24.86 5.80 31.98
CA LEU A 233 23.49 6.30 32.06
C LEU A 233 23.34 7.63 31.34
N GLN A 234 24.38 8.46 31.32
CA GLN A 234 24.29 9.71 30.57
C GLN A 234 24.22 9.44 29.08
N GLU A 235 24.98 8.46 28.59
CA GLU A 235 24.85 8.04 27.20
C GLU A 235 23.44 7.53 26.92
N ALA A 236 22.87 6.79 27.87
CA ALA A 236 21.49 6.34 27.70
C ALA A 236 20.54 7.52 27.62
N LEU A 237 20.75 8.54 28.44
CA LEU A 237 19.91 9.73 28.36
C LEU A 237 20.04 10.42 27.02
N ASN A 238 21.26 10.53 26.50
CA ASN A 238 21.44 11.15 25.19
C ASN A 238 20.76 10.33 24.09
N ASP A 239 20.85 9.00 24.19
CA ASP A 239 20.18 8.16 23.21
C ASP A 239 18.66 8.32 23.29
N PHE A 240 18.13 8.41 24.51
CA PHE A 240 16.72 8.67 24.68
C PHE A 240 16.32 10.00 24.07
N LYS A 241 17.16 10.99 24.21
CA LYS A 241 16.87 12.25 23.59
C LYS A 241 16.81 12.05 22.12
N SER A 242 17.82 11.45 21.54
CA SER A 242 17.85 11.32 20.08
C SER A 242 16.63 10.57 19.56
N ILE A 243 16.18 9.54 20.28
CA ILE A 243 14.98 8.82 19.86
C ILE A 243 13.75 9.70 19.99
N TRP A 244 13.68 10.46 21.09
CA TRP A 244 12.50 11.25 21.39
C TRP A 244 12.29 12.38 20.37
N ASN A 245 13.37 13.06 20.01
CA ASN A 245 13.28 14.25 19.18
C ASN A 245 13.41 13.96 17.70
N ASN A 246 13.43 12.69 17.31
CA ASN A 246 13.60 12.35 15.91
C ASN A 246 12.38 12.81 15.12
N ARG A 247 12.65 13.44 13.97
CA ARG A 247 11.57 13.92 13.11
C ARG A 247 10.55 12.83 12.83
N TRP A 248 11.02 11.61 12.56
CA TRP A 248 10.12 10.54 12.13
C TRP A 248 9.39 9.88 13.29
N LEU A 249 9.92 9.97 14.50
CA LEU A 249 9.27 9.41 15.68
C LEU A 249 8.46 10.47 16.43
N ARG A 250 8.11 11.57 15.75
CA ARG A 250 7.43 12.70 16.34
C ARG A 250 6.08 12.33 16.97
N THR A 251 5.56 11.16 16.65
CA THR A 251 4.24 10.77 17.13
C THR A 251 4.23 9.39 17.79
N ILE A 252 5.38 8.83 18.12
CA ILE A 252 5.49 7.49 18.68
C ILE A 252 5.79 7.61 20.17
N SER A 253 4.94 7.02 20.99
CA SER A 253 5.16 7.01 22.43
C SER A 253 6.32 6.07 22.77
N VAL A 254 6.98 6.36 23.88
CA VAL A 254 8.12 5.57 24.33
C VAL A 254 7.77 4.93 25.67
N ILE A 255 7.77 3.60 25.71
CA ILE A 255 7.64 2.85 26.94
C ILE A 255 9.05 2.66 27.49
N LEU A 256 9.35 3.29 28.62
CA LEU A 256 10.71 3.43 29.10
C LEU A 256 10.93 2.50 30.29
N PHE A 257 11.56 1.36 30.03
CA PHE A 257 11.87 0.39 31.07
C PHE A 257 13.20 0.75 31.72
N LEU A 258 13.13 1.30 32.92
CA LEU A 258 14.32 1.54 33.74
C LEU A 258 14.70 0.22 34.40
N ASN A 259 15.34 -0.64 33.61
CA ASN A 259 15.52 -2.05 33.96
C ASN A 259 16.61 -2.22 35.02
N LYS A 260 16.77 -3.47 35.48
CA LYS A 260 17.83 -3.84 36.42
C LYS A 260 17.71 -3.07 37.73
N GLN A 261 16.49 -3.03 38.28
CA GLN A 261 16.27 -2.36 39.55
C GLN A 261 16.92 -3.09 40.70
N ASP A 262 17.03 -4.42 40.63
CA ASP A 262 17.68 -5.16 41.70
C ASP A 262 19.11 -4.69 41.89
N LEU A 263 19.84 -4.56 40.79
CA LEU A 263 21.21 -4.09 40.87
C LEU A 263 21.27 -2.65 41.36
N LEU A 264 20.31 -1.82 40.96
CA LEU A 264 20.29 -0.44 41.45
C LEU A 264 20.12 -0.40 42.95
N ALA A 265 19.18 -1.19 43.48
CA ALA A 265 18.97 -1.23 44.92
C ALA A 265 20.22 -1.71 45.63
N GLU A 266 20.81 -2.81 45.16
CA GLU A 266 22.03 -3.32 45.79
C GLU A 266 23.13 -2.27 45.77
N LYS A 267 23.32 -1.61 44.62
CA LYS A 267 24.41 -0.65 44.48
C LYS A 267 24.22 0.54 45.40
N VAL A 268 23.00 1.08 45.45
CA VAL A 268 22.78 2.26 46.26
C VAL A 268 22.78 1.92 47.75
N LEU A 269 22.42 0.68 48.10
CA LEU A 269 22.52 0.27 49.50
C LEU A 269 23.96 0.03 49.92
N ALA A 270 24.79 -0.51 49.03
CA ALA A 270 26.19 -0.68 49.36
C ALA A 270 26.90 0.66 49.46
N GLY A 271 26.58 1.60 48.58
CA GLY A 271 27.16 2.92 48.63
C GLY A 271 28.58 3.03 48.11
N LYS A 272 29.15 1.96 47.55
CA LYS A 272 30.52 2.04 47.06
C LYS A 272 30.65 3.07 45.94
N SER A 273 29.63 3.20 45.10
CA SER A 273 29.56 4.25 44.10
C SER A 273 28.18 4.86 44.18
N LYS A 274 28.12 6.20 44.16
CA LYS A 274 26.89 6.92 44.42
C LYS A 274 26.56 7.83 43.25
N ILE A 275 25.27 7.89 42.92
CA ILE A 275 24.82 8.54 41.69
C ILE A 275 25.30 9.98 41.61
N GLU A 276 25.44 10.65 42.75
CA GLU A 276 25.84 12.05 42.72
C GLU A 276 27.24 12.22 42.15
N ASP A 277 28.04 11.16 42.11
CA ASP A 277 29.37 11.24 41.53
C ASP A 277 29.31 11.58 40.04
N TYR A 278 28.27 11.13 39.35
CA TYR A 278 28.11 11.37 37.92
C TYR A 278 27.03 12.41 37.61
N PHE A 279 25.96 12.45 38.40
CA PHE A 279 24.89 13.44 38.24
C PHE A 279 24.87 14.28 39.50
N PRO A 280 25.58 15.40 39.54
CA PRO A 280 25.70 16.14 40.81
C PRO A 280 24.39 16.70 41.32
N GLU A 281 23.37 16.85 40.47
CA GLU A 281 22.11 17.42 40.93
C GLU A 281 21.43 16.53 41.96
N PHE A 282 21.84 15.28 42.10
CA PHE A 282 21.23 14.39 43.08
C PHE A 282 21.50 14.82 44.51
N ALA A 283 22.54 15.63 44.74
CA ALA A 283 22.84 16.06 46.10
C ALA A 283 21.70 16.89 46.68
N ARG A 284 20.97 17.62 45.84
CA ARG A 284 19.86 18.44 46.29
C ARG A 284 18.50 17.82 46.05
N TYR A 285 18.40 16.81 45.20
CA TYR A 285 17.12 16.20 44.90
C TYR A 285 16.56 15.51 46.14
N THR A 286 15.28 15.73 46.41
CA THR A 286 14.58 15.13 47.53
C THR A 286 13.29 14.49 47.02
N THR A 287 12.92 13.37 47.63
CA THR A 287 11.82 12.56 47.11
C THR A 287 10.54 13.39 46.99
N PRO A 288 9.94 13.47 45.81
CA PRO A 288 8.62 14.10 45.70
C PRO A 288 7.59 13.34 46.54
N GLU A 289 6.70 14.09 47.18
CA GLU A 289 5.70 13.47 48.05
C GLU A 289 4.64 12.73 47.25
N ASP A 290 4.32 13.19 46.05
CA ASP A 290 3.23 12.62 45.27
C ASP A 290 3.53 11.20 44.80
N ALA A 291 4.80 10.82 44.72
CA ALA A 291 5.20 9.51 44.22
C ALA A 291 5.19 8.51 45.39
N THR A 292 4.05 7.86 45.56
CA THR A 292 3.89 6.88 46.63
C THR A 292 4.95 5.80 46.51
N PRO A 293 5.74 5.54 47.55
CA PRO A 293 6.79 4.52 47.45
C PRO A 293 6.22 3.11 47.50
N GLU A 294 6.96 2.19 46.88
CA GLU A 294 6.60 0.79 46.93
C GLU A 294 6.83 0.24 48.34
N PRO A 295 6.07 -0.76 48.76
CA PRO A 295 6.26 -1.32 50.09
C PRO A 295 7.59 -2.05 50.22
N GLY A 296 8.24 -1.86 51.37
CA GLY A 296 9.46 -2.57 51.68
C GLY A 296 10.71 -2.03 51.04
N GLU A 297 10.64 -0.90 50.35
CA GLU A 297 11.79 -0.34 49.66
C GLU A 297 12.37 0.81 50.48
N ASP A 298 13.70 0.80 50.64
CA ASP A 298 14.37 1.81 51.44
C ASP A 298 14.18 3.20 50.81
N PRO A 299 14.08 4.25 51.62
CA PRO A 299 13.98 5.60 51.05
C PRO A 299 15.13 5.96 50.15
N ARG A 300 16.34 5.46 50.42
CA ARG A 300 17.48 5.77 49.57
C ARG A 300 17.27 5.22 48.15
N VAL A 301 16.88 3.95 48.07
CA VAL A 301 16.62 3.34 46.77
C VAL A 301 15.52 4.11 46.05
N THR A 302 14.45 4.44 46.79
CA THR A 302 13.34 5.16 46.19
C THR A 302 13.81 6.49 45.61
N ARG A 303 14.63 7.22 46.36
CA ARG A 303 15.10 8.51 45.88
C ARG A 303 15.97 8.36 44.65
N ALA A 304 16.89 7.39 44.64
CA ALA A 304 17.75 7.19 43.49
C ALA A 304 16.93 6.85 42.23
N LYS A 305 16.05 5.86 42.36
CA LYS A 305 15.27 5.43 41.20
C LYS A 305 14.33 6.54 40.73
N TYR A 306 13.74 7.28 41.66
CA TYR A 306 12.92 8.42 41.27
C TYR A 306 13.75 9.48 40.56
N PHE A 307 15.00 9.67 40.95
CA PHE A 307 15.82 10.66 40.27
C PHE A 307 16.12 10.22 38.84
N ILE A 308 16.45 8.96 38.64
CA ILE A 308 16.66 8.46 37.27
C ILE A 308 15.39 8.64 36.46
N ARG A 309 14.26 8.23 37.03
CA ARG A 309 12.97 8.38 36.35
C ARG A 309 12.74 9.82 35.94
N LYS A 310 12.99 10.75 36.87
CA LYS A 310 12.77 12.17 36.57
C LYS A 310 13.75 12.66 35.51
N GLU A 311 14.99 12.18 35.54
CA GLU A 311 15.96 12.63 34.56
C GLU A 311 15.54 12.23 33.16
N PHE A 312 14.94 11.06 33.01
CA PHE A 312 14.41 10.69 31.70
C PHE A 312 13.10 11.44 31.38
N VAL A 313 12.22 11.58 32.36
CA VAL A 313 10.94 12.24 32.11
C VAL A 313 11.14 13.69 31.72
N ASP A 314 12.19 14.34 32.25
CA ASP A 314 12.46 15.72 31.88
C ASP A 314 12.75 15.83 30.39
N ILE A 315 13.55 14.89 29.86
CA ILE A 315 13.76 14.84 28.42
C ILE A 315 12.44 14.56 27.71
N SER A 316 11.59 13.76 28.35
CA SER A 316 10.30 13.43 27.73
C SER A 316 9.42 14.67 27.58
N THR A 317 9.42 15.55 28.58
CA THR A 317 8.48 16.67 28.62
C THR A 317 9.00 17.93 27.95
N ALA A 318 10.32 18.08 27.82
CA ALA A 318 10.88 19.32 27.28
C ALA A 318 10.42 19.61 25.87
N SER A 319 9.99 18.59 25.12
CA SER A 319 9.59 18.77 23.74
C SER A 319 8.43 17.85 23.41
N GLY A 320 7.70 18.22 22.35
CA GLY A 320 6.50 17.49 21.97
C GLY A 320 5.26 18.05 22.61
N ASP A 321 4.29 18.47 21.80
CA ASP A 321 3.06 19.07 22.29
C ASP A 321 2.00 18.00 22.57
N GLY A 322 2.39 17.02 23.37
CA GLY A 322 1.50 15.94 23.75
C GLY A 322 1.31 14.85 22.71
N ARG A 323 2.03 14.94 21.59
CA ARG A 323 1.87 13.95 20.53
C ARG A 323 2.59 12.68 20.94
N HIS A 324 3.48 12.73 21.93
CA HIS A 324 4.11 11.55 22.47
C HIS A 324 4.15 11.61 23.96
N ILE A 325 4.02 10.48 24.62
CA ILE A 325 4.09 10.41 26.05
C ILE A 325 5.04 9.30 26.44
N CYS A 326 5.89 9.51 27.42
CA CYS A 326 6.77 8.49 27.99
C CYS A 326 6.05 7.80 29.14
N TYR A 327 6.25 6.50 29.25
CA TYR A 327 5.60 5.69 30.29
C TYR A 327 6.70 4.98 31.07
N PRO A 328 7.28 5.65 32.08
CA PRO A 328 8.40 5.03 32.80
C PRO A 328 7.92 3.86 33.64
N HIS A 329 8.64 2.74 33.53
CA HIS A 329 8.35 1.55 34.33
C HIS A 329 9.64 0.99 34.88
N PHE A 330 9.65 0.71 36.17
CA PHE A 330 10.77 0.03 36.80
C PHE A 330 10.57 -1.48 36.70
N THR A 331 11.64 -2.20 36.35
CA THR A 331 11.55 -3.64 36.16
C THR A 331 12.89 -4.28 36.47
N CYS A 332 12.87 -5.60 36.63
CA CYS A 332 14.06 -6.39 36.88
C CYS A 332 14.00 -7.65 36.04
N SER A 333 15.10 -8.41 36.07
CA SER A 333 15.19 -9.62 35.26
C SER A 333 14.09 -10.62 35.61
N VAL A 334 13.77 -10.76 36.90
CA VAL A 334 12.79 -11.76 37.33
C VAL A 334 11.37 -11.31 37.06
N ASP A 335 11.15 -10.04 36.75
CA ASP A 335 9.80 -9.51 36.61
C ASP A 335 9.06 -10.24 35.49
N THR A 336 7.92 -10.83 35.83
CA THR A 336 7.05 -11.47 34.87
C THR A 336 5.96 -10.55 34.33
N GLU A 337 5.84 -9.34 34.87
CA GLU A 337 4.71 -8.47 34.55
C GLU A 337 4.92 -7.65 33.29
N ASN A 338 6.10 -7.68 32.68
CA ASN A 338 6.43 -6.67 31.67
C ASN A 338 5.46 -6.72 30.50
N ALA A 339 5.01 -7.90 30.10
CA ALA A 339 4.06 -7.99 29.00
C ALA A 339 2.77 -7.27 29.34
N ARG A 340 2.32 -7.40 30.58
CA ARG A 340 1.12 -6.68 31.01
C ARG A 340 1.34 -5.18 30.99
N ARG A 341 2.53 -4.73 31.39
CA ARG A 341 2.82 -3.30 31.36
C ARG A 341 2.76 -2.78 29.93
N ILE A 342 3.35 -3.51 28.99
CA ILE A 342 3.30 -3.09 27.59
C ILE A 342 1.86 -3.11 27.10
N PHE A 343 1.07 -4.08 27.57
CA PHE A 343 -0.33 -4.12 27.16
C PHE A 343 -1.07 -2.87 27.62
N ASN A 344 -0.89 -2.48 28.89
CA ASN A 344 -1.58 -1.30 29.40
C ASN A 344 -1.09 -0.03 28.70
N ASP A 345 0.21 0.06 28.44
CA ASP A 345 0.73 1.24 27.77
C ASP A 345 0.22 1.35 26.34
N CYS A 346 0.18 0.24 25.60
CA CYS A 346 -0.40 0.27 24.27
C CYS A 346 -1.88 0.57 24.32
N LYS A 347 -2.57 0.06 25.34
CA LYS A 347 -3.94 0.48 25.62
C LYS A 347 -4.06 1.99 25.62
N ASP A 348 -3.27 2.64 26.47
CA ASP A 348 -3.36 4.10 26.59
C ASP A 348 -2.98 4.80 25.30
N ILE A 349 -1.95 4.30 24.61
CA ILE A 349 -1.51 4.96 23.38
C ILE A 349 -2.58 4.88 22.32
N ILE A 350 -3.19 3.70 22.14
CA ILE A 350 -4.27 3.56 21.18
C ILE A 350 -5.47 4.40 21.60
N LEU A 351 -5.72 4.50 22.91
CA LEU A 351 -6.83 5.33 23.36
C LEU A 351 -6.61 6.79 22.99
N GLN A 352 -5.39 7.30 23.18
CA GLN A 352 -5.11 8.68 22.79
C GLN A 352 -5.18 8.86 21.28
N MET A 353 -4.69 7.88 20.53
CA MET A 353 -4.78 7.96 19.07
C MET A 353 -6.24 8.00 18.64
N ASN A 354 -7.10 7.20 19.26
CA ASN A 354 -8.51 7.23 18.94
C ASN A 354 -9.14 8.56 19.31
N LEU A 355 -8.84 9.05 20.51
CA LEU A 355 -9.41 10.32 20.94
C LEU A 355 -9.08 11.43 19.95
N ARG A 356 -7.84 11.44 19.45
CA ARG A 356 -7.47 12.47 18.48
C ARG A 356 -8.12 12.20 17.13
N GLU A 357 -8.10 10.94 16.68
CA GLU A 357 -8.61 10.61 15.36
C GLU A 357 -10.10 10.87 15.26
N TYR A 358 -10.86 10.56 16.32
CA TYR A 358 -12.29 10.74 16.34
C TYR A 358 -12.70 12.14 16.82
N ASN A 359 -11.76 13.06 16.89
CA ASN A 359 -11.98 14.48 17.16
C ASN A 359 -12.48 14.78 18.57
N LEU A 360 -12.47 13.80 19.47
CA LEU A 360 -12.90 14.07 20.83
C LEU A 360 -12.02 15.12 21.48
N VAL A 361 -10.71 15.03 21.30
CA VAL A 361 -9.80 16.03 21.85
C VAL A 361 -9.45 17.05 20.78
N GLU B 8 55.17 8.40 9.22
CA GLU B 8 54.60 9.50 10.03
C GLU B 8 53.17 9.82 9.58
N LEU B 9 52.20 9.51 10.45
CA LEU B 9 50.80 9.71 10.08
C LEU B 9 50.51 11.17 9.74
N ASP B 10 51.19 12.11 10.40
CA ASP B 10 50.95 13.52 10.11
C ASP B 10 51.30 13.85 8.66
N GLN B 11 52.42 13.33 8.16
CA GLN B 11 52.78 13.56 6.77
C GLN B 11 51.79 12.87 5.83
N LEU B 12 51.26 11.71 6.22
CA LEU B 12 50.26 11.05 5.40
C LEU B 12 49.00 11.88 5.27
N ARG B 13 48.52 12.46 6.37
CA ARG B 13 47.32 13.29 6.29
C ARG B 13 47.59 14.60 5.55
N GLN B 14 48.79 15.17 5.71
CA GLN B 14 49.12 16.35 4.92
C GLN B 14 49.18 16.03 3.43
N GLU B 15 49.73 14.86 3.08
CA GLU B 15 49.73 14.43 1.69
C GLU B 15 48.31 14.22 1.19
N ALA B 16 47.43 13.70 2.04
CA ALA B 16 46.02 13.58 1.65
C ALA B 16 45.43 14.94 1.36
N GLU B 17 45.73 15.94 2.19
CA GLU B 17 45.24 17.28 1.95
C GLU B 17 45.76 17.83 0.63
N GLN B 18 47.04 17.64 0.36
CA GLN B 18 47.60 18.15 -0.90
C GLN B 18 46.99 17.43 -2.10
N LEU B 19 46.75 16.12 -1.99
CA LEU B 19 46.10 15.40 -3.07
C LEU B 19 44.68 15.90 -3.31
N LYS B 20 43.95 16.19 -2.22
CA LYS B 20 42.60 16.72 -2.37
C LYS B 20 42.62 18.09 -3.04
N ASN B 21 43.61 18.92 -2.70
CA ASN B 21 43.74 20.21 -3.36
C ASN B 21 44.11 20.05 -4.83
N GLN B 22 44.94 19.07 -5.15
CA GLN B 22 45.23 18.77 -6.55
C GLN B 22 43.97 18.35 -7.30
N ILE B 23 43.13 17.52 -6.66
CA ILE B 23 41.88 17.11 -7.29
C ILE B 23 41.01 18.33 -7.58
N ARG B 24 40.87 19.21 -6.59
CA ARG B 24 40.07 20.41 -6.80
C ARG B 24 40.65 21.27 -7.91
N ASP B 25 41.98 21.41 -7.95
CA ASP B 25 42.61 22.22 -8.99
C ASP B 25 42.33 21.64 -10.38
N ALA B 26 42.47 20.33 -10.52
CA ALA B 26 42.20 19.71 -11.82
C ALA B 26 40.75 19.89 -12.24
N ARG B 27 39.82 19.67 -11.31
CA ARG B 27 38.40 19.82 -11.64
C ARG B 27 38.09 21.26 -12.02
N LYS B 28 38.66 22.23 -11.30
CA LYS B 28 38.46 23.63 -11.67
C LYS B 28 39.04 23.92 -13.05
N ALA B 29 40.22 23.37 -13.35
CA ALA B 29 40.81 23.58 -14.67
C ALA B 29 39.95 23.00 -15.77
N CYS B 30 39.24 21.91 -15.50
CA CYS B 30 38.35 21.32 -16.48
C CYS B 30 37.03 22.08 -16.62
N ALA B 31 36.71 22.99 -15.69
CA ALA B 31 35.44 23.70 -15.70
C ALA B 31 35.50 24.94 -16.59
N ASP B 32 35.71 24.72 -17.88
CA ASP B 32 35.77 25.82 -18.83
C ASP B 32 34.40 26.45 -19.09
N ALA B 33 33.32 25.78 -18.76
CA ALA B 33 31.97 26.27 -18.98
C ALA B 33 31.06 25.66 -17.93
N THR B 34 29.75 25.76 -18.16
CA THR B 34 28.77 25.13 -17.28
C THR B 34 27.57 24.72 -18.12
N LEU B 35 26.82 23.73 -17.61
CA LEU B 35 25.75 23.15 -18.41
C LEU B 35 24.66 24.17 -18.73
N SER B 36 24.32 25.03 -17.78
CA SER B 36 23.28 26.02 -18.02
C SER B 36 23.70 26.97 -19.15
N GLN B 37 24.97 27.37 -19.14
CA GLN B 37 25.47 28.28 -20.18
C GLN B 37 25.43 27.62 -21.55
N ILE B 38 25.80 26.34 -21.63
CA ILE B 38 25.83 25.64 -22.91
C ILE B 38 24.42 25.38 -23.42
N THR B 39 23.50 25.02 -22.52
CA THR B 39 22.17 24.56 -22.92
C THR B 39 21.14 25.67 -23.00
N ASN B 40 21.52 26.92 -22.73
CA ASN B 40 20.54 28.00 -22.70
C ASN B 40 19.74 28.10 -23.98
N ASN B 41 20.32 27.69 -25.12
CA ASN B 41 19.70 27.86 -26.42
C ASN B 41 18.70 26.77 -26.77
N ILE B 42 18.60 25.71 -25.98
CA ILE B 42 17.78 24.56 -26.36
C ILE B 42 16.33 24.84 -26.04
N ASP B 43 15.44 24.36 -26.91
CA ASP B 43 14.02 24.60 -26.74
C ASP B 43 13.55 23.99 -25.42
N PRO B 44 12.74 24.70 -24.64
CA PRO B 44 12.29 24.13 -23.35
C PRO B 44 11.39 22.93 -23.55
N VAL B 45 11.38 22.06 -22.52
CA VAL B 45 10.57 20.86 -22.57
C VAL B 45 9.09 21.18 -22.62
N GLY B 46 8.66 22.23 -21.92
CA GLY B 46 7.26 22.53 -21.76
C GLY B 46 6.64 21.76 -20.62
N ARG B 47 5.38 22.09 -20.33
CA ARG B 47 4.71 21.54 -19.16
C ARG B 47 4.34 20.09 -19.41
N ILE B 48 4.97 19.18 -18.67
CA ILE B 48 4.67 17.75 -18.75
C ILE B 48 3.48 17.47 -17.82
N GLN B 49 2.41 16.91 -18.39
CA GLN B 49 1.14 16.80 -17.69
C GLN B 49 0.78 15.34 -17.47
N MET B 50 1.75 14.55 -17.02
CA MET B 50 1.54 13.12 -16.87
C MET B 50 0.35 12.83 -15.97
N ARG B 51 -0.43 11.83 -16.34
CA ARG B 51 -1.68 11.49 -15.68
C ARG B 51 -1.62 10.06 -15.16
N THR B 52 -2.24 9.83 -14.02
CA THR B 52 -2.23 8.50 -13.41
C THR B 52 -3.01 7.54 -14.28
N ARG B 53 -2.31 6.67 -14.98
CA ARG B 53 -2.96 5.68 -15.84
C ARG B 53 -3.38 4.43 -15.09
N ARG B 54 -2.65 4.05 -14.05
CA ARG B 54 -2.98 2.86 -13.26
C ARG B 54 -2.66 3.12 -11.80
N THR B 55 -3.51 2.62 -10.91
CA THR B 55 -3.25 2.61 -9.49
C THR B 55 -3.29 1.17 -8.99
N LEU B 56 -2.24 0.77 -8.29
CA LEU B 56 -2.08 -0.59 -7.80
C LEU B 56 -2.28 -0.57 -6.29
N ARG B 57 -3.34 -1.24 -5.82
CA ARG B 57 -3.84 -1.05 -4.47
C ARG B 57 -3.70 -2.29 -3.59
N GLY B 58 -2.71 -3.13 -3.83
CA GLY B 58 -2.62 -4.39 -3.13
C GLY B 58 -1.99 -4.37 -1.75
N HIS B 59 -0.99 -3.52 -1.55
CA HIS B 59 -0.13 -3.66 -0.38
C HIS B 59 -0.84 -3.27 0.90
N LEU B 60 -0.40 -3.90 2.00
CA LEU B 60 -0.95 -3.65 3.32
C LEU B 60 -0.32 -2.46 4.03
N ALA B 61 0.90 -2.07 3.65
CA ALA B 61 1.64 -1.07 4.40
C ALA B 61 2.50 -0.28 3.42
N LYS B 62 3.46 0.47 3.98
CA LYS B 62 4.28 1.37 3.17
C LYS B 62 5.02 0.60 2.08
N ILE B 63 5.04 1.17 0.89
CA ILE B 63 5.82 0.63 -0.22
C ILE B 63 7.18 1.31 -0.21
N TYR B 64 8.24 0.52 -0.10
CA TYR B 64 9.58 1.09 -0.03
C TYR B 64 10.27 1.15 -1.39
N ALA B 65 10.32 0.03 -2.10
CA ALA B 65 11.01 -0.02 -3.37
C ALA B 65 10.15 -0.74 -4.39
N MET B 66 10.38 -0.41 -5.65
CA MET B 66 9.81 -1.14 -6.76
C MET B 66 10.81 -1.13 -7.90
N HIS B 67 10.73 -2.14 -8.76
CA HIS B 67 11.62 -2.21 -9.91
C HIS B 67 10.86 -2.80 -11.08
N TRP B 68 11.27 -2.39 -12.28
CA TRP B 68 10.64 -2.84 -13.51
C TRP B 68 11.40 -4.04 -14.07
N GLY B 69 10.64 -5.00 -14.58
CA GLY B 69 11.24 -6.02 -15.41
C GLY B 69 11.67 -5.45 -16.75
N THR B 70 12.62 -6.14 -17.38
CA THR B 70 13.09 -5.66 -18.69
C THR B 70 11.96 -5.64 -19.70
N ASP B 71 10.95 -6.48 -19.51
CA ASP B 71 9.81 -6.54 -20.44
C ASP B 71 8.98 -5.26 -20.43
N SER B 72 9.27 -4.33 -19.53
CA SER B 72 8.56 -3.06 -19.44
C SER B 72 7.08 -3.25 -19.11
N ARG B 73 6.71 -4.39 -18.54
CA ARG B 73 5.32 -4.66 -18.21
C ARG B 73 5.14 -5.10 -16.76
N LEU B 74 6.08 -5.88 -16.23
CA LEU B 74 5.96 -6.43 -14.89
C LEU B 74 6.70 -5.57 -13.87
N LEU B 75 6.10 -5.41 -12.71
CA LEU B 75 6.67 -4.70 -11.58
C LEU B 75 6.88 -5.67 -10.43
N VAL B 76 7.88 -5.38 -9.61
CA VAL B 76 8.02 -5.97 -8.28
C VAL B 76 7.93 -4.83 -7.29
N SER B 77 7.16 -5.03 -6.22
CA SER B 77 6.91 -3.96 -5.26
C SER B 77 7.00 -4.53 -3.86
N ALA B 78 7.79 -3.88 -3.01
CA ALA B 78 8.05 -4.34 -1.66
C ALA B 78 7.40 -3.41 -0.64
N SER B 79 6.78 -4.01 0.37
CA SER B 79 6.15 -3.26 1.44
C SER B 79 6.55 -3.86 2.77
N GLN B 80 6.50 -3.03 3.82
CA GLN B 80 6.99 -3.49 5.12
C GLN B 80 6.09 -4.51 5.74
N ASP B 81 4.98 -4.87 5.10
CA ASP B 81 4.21 -6.01 5.57
C ASP B 81 4.94 -7.32 5.34
N GLY B 82 5.96 -7.32 4.49
CA GLY B 82 6.68 -8.53 4.15
C GLY B 82 6.09 -9.20 2.92
N LYS B 83 5.75 -8.40 1.93
CA LYS B 83 5.14 -8.88 0.70
C LYS B 83 5.87 -8.28 -0.48
N LEU B 84 6.28 -9.13 -1.42
CA LEU B 84 6.64 -8.69 -2.77
C LEU B 84 5.49 -9.08 -3.67
N ILE B 85 4.80 -8.09 -4.21
CA ILE B 85 3.71 -8.32 -5.15
C ILE B 85 4.23 -7.99 -6.53
N ILE B 86 4.11 -8.93 -7.46
CA ILE B 86 4.51 -8.71 -8.84
C ILE B 86 3.26 -8.34 -9.62
N TRP B 87 3.29 -7.17 -10.24
CA TRP B 87 2.11 -6.55 -10.85
C TRP B 87 2.26 -6.59 -12.36
N ASP B 88 1.21 -7.00 -13.05
CA ASP B 88 1.12 -6.81 -14.50
C ASP B 88 0.57 -5.41 -14.73
N SER B 89 1.45 -4.46 -15.03
CA SER B 89 1.06 -3.07 -15.07
C SER B 89 -0.04 -2.80 -16.09
N TYR B 90 -0.05 -3.56 -17.20
CA TYR B 90 -1.04 -3.29 -18.24
C TYR B 90 -2.45 -3.60 -17.77
N THR B 91 -2.61 -4.67 -17.00
CA THR B 91 -3.92 -5.12 -16.55
C THR B 91 -4.14 -4.94 -15.06
N THR B 92 -3.13 -4.51 -14.30
CA THR B 92 -3.18 -4.35 -12.85
C THR B 92 -3.34 -5.66 -12.11
N ASN B 93 -3.24 -6.80 -12.80
CA ASN B 93 -3.36 -8.09 -12.14
C ASN B 93 -2.13 -8.36 -11.29
N LYS B 94 -2.33 -9.07 -10.19
CA LYS B 94 -1.24 -9.47 -9.32
C LYS B 94 -0.73 -10.85 -9.75
N VAL B 95 0.48 -10.89 -10.29
CA VAL B 95 1.03 -12.14 -10.80
C VAL B 95 1.54 -13.01 -9.66
N HIS B 96 2.13 -12.41 -8.63
CA HIS B 96 2.65 -13.16 -7.50
C HIS B 96 2.51 -12.33 -6.24
N ALA B 97 2.31 -13.03 -5.12
CA ALA B 97 2.42 -12.44 -3.80
C ALA B 97 3.40 -13.29 -3.01
N ILE B 98 4.57 -12.74 -2.73
CA ILE B 98 5.67 -13.49 -2.13
C ILE B 98 5.74 -13.13 -0.66
N PRO B 99 5.34 -14.00 0.27
CA PRO B 99 5.53 -13.70 1.68
C PRO B 99 7.00 -13.81 2.06
N LEU B 100 7.50 -12.83 2.78
CA LEU B 100 8.91 -12.73 3.12
C LEU B 100 9.11 -13.04 4.60
N ARG B 101 10.20 -13.74 4.90
CA ARG B 101 10.53 -14.11 6.26
C ARG B 101 11.01 -12.95 7.11
N SER B 102 11.20 -11.78 6.52
CA SER B 102 11.52 -10.56 7.25
C SER B 102 10.62 -9.45 6.74
N SER B 103 10.02 -8.72 7.67
CA SER B 103 8.97 -7.78 7.29
C SER B 103 9.53 -6.44 6.82
N TRP B 104 10.63 -5.99 7.41
CA TRP B 104 11.18 -4.65 7.14
C TRP B 104 12.10 -4.70 5.93
N VAL B 105 11.48 -4.70 4.75
CA VAL B 105 12.16 -4.83 3.48
C VAL B 105 12.32 -3.45 2.88
N MET B 106 13.56 -3.07 2.57
CA MET B 106 13.87 -1.74 2.09
C MET B 106 14.15 -1.68 0.59
N THR B 107 14.48 -2.79 -0.04
CA THR B 107 14.82 -2.79 -1.46
C THR B 107 14.28 -4.05 -2.12
N CYS B 108 13.96 -3.91 -3.40
CA CYS B 108 13.60 -5.04 -4.22
C CYS B 108 14.22 -4.85 -5.60
N ALA B 109 14.53 -5.96 -6.26
CA ALA B 109 15.10 -5.91 -7.59
C ALA B 109 14.49 -7.02 -8.44
N TYR B 110 14.38 -6.74 -9.73
CA TYR B 110 13.88 -7.70 -10.70
C TYR B 110 15.03 -8.10 -11.62
N ALA B 111 15.29 -9.39 -11.72
CA ALA B 111 16.38 -9.84 -12.56
C ALA B 111 16.13 -9.40 -14.00
N PRO B 112 17.16 -8.99 -14.74
CA PRO B 112 16.92 -8.57 -16.13
C PRO B 112 16.31 -9.67 -16.98
N SER B 113 16.53 -10.94 -16.63
CA SER B 113 15.91 -12.04 -17.35
C SER B 113 14.48 -12.29 -16.90
N GLY B 114 14.07 -11.76 -15.76
CA GLY B 114 12.76 -12.01 -15.22
C GLY B 114 12.64 -13.29 -14.41
N ASN B 115 13.70 -14.07 -14.30
CA ASN B 115 13.62 -15.33 -13.57
C ASN B 115 13.61 -15.13 -12.06
N TYR B 116 14.32 -14.13 -11.55
CA TYR B 116 14.49 -13.95 -10.12
C TYR B 116 14.10 -12.54 -9.70
N VAL B 117 13.67 -12.41 -8.46
CA VAL B 117 13.56 -11.12 -7.79
C VAL B 117 14.32 -11.19 -6.48
N ALA B 118 15.08 -10.15 -6.19
CA ALA B 118 15.80 -10.03 -4.94
C ALA B 118 15.10 -9.05 -4.01
N CYS B 119 15.23 -9.27 -2.71
CA CYS B 119 14.75 -8.32 -1.72
C CYS B 119 15.61 -8.40 -0.49
N GLY B 120 15.57 -7.33 0.31
CA GLY B 120 16.36 -7.25 1.51
C GLY B 120 15.98 -6.03 2.31
N GLY B 121 16.51 -5.95 3.51
CA GLY B 121 16.19 -4.86 4.40
C GLY B 121 16.94 -4.96 5.71
N LEU B 122 16.23 -4.72 6.82
CA LEU B 122 16.88 -4.76 8.12
C LEU B 122 17.27 -6.16 8.54
N ASP B 123 16.92 -7.18 7.77
CA ASP B 123 17.37 -8.53 8.07
C ASP B 123 18.84 -8.72 7.72
N ASN B 124 19.43 -7.78 7.00
CA ASN B 124 20.82 -7.86 6.53
C ASN B 124 21.03 -8.98 5.52
N ILE B 125 19.95 -9.52 4.96
CA ILE B 125 20.02 -10.62 4.01
C ILE B 125 19.37 -10.21 2.71
N CYS B 126 20.03 -10.55 1.60
CA CYS B 126 19.48 -10.37 0.26
C CYS B 126 18.91 -11.71 -0.18
N SER B 127 17.59 -11.81 -0.21
CA SER B 127 16.90 -13.05 -0.53
C SER B 127 16.55 -13.06 -2.02
N ILE B 128 17.00 -14.09 -2.72
CA ILE B 128 16.78 -14.23 -4.16
C ILE B 128 15.68 -15.25 -4.35
N TYR B 129 14.57 -14.83 -4.96
CA TYR B 129 13.40 -15.67 -5.15
C TYR B 129 13.32 -16.12 -6.60
N ASN B 130 13.04 -17.42 -6.79
CA ASN B 130 12.91 -17.99 -8.12
C ASN B 130 11.45 -17.93 -8.54
N LEU B 131 11.16 -17.16 -9.59
CA LEU B 131 9.79 -16.97 -10.02
C LEU B 131 9.30 -18.04 -10.99
N LYS B 132 10.21 -18.83 -11.56
CA LYS B 132 9.85 -19.75 -12.62
C LYS B 132 10.15 -21.19 -12.25
N THR B 133 9.77 -21.60 -11.05
CA THR B 133 9.93 -22.97 -10.62
C THR B 133 8.96 -23.88 -11.37
N ARG B 134 9.31 -25.17 -11.43
CA ARG B 134 8.37 -26.15 -11.94
C ARG B 134 7.27 -26.46 -10.94
N GLU B 135 7.55 -26.27 -9.65
CA GLU B 135 6.57 -26.55 -8.61
C GLU B 135 5.46 -25.53 -8.56
N GLY B 136 5.60 -24.40 -9.25
CA GLY B 136 4.56 -23.41 -9.35
C GLY B 136 4.67 -22.27 -8.36
N ASN B 137 5.16 -22.53 -7.16
CA ASN B 137 5.27 -21.49 -6.15
C ASN B 137 6.63 -20.80 -6.22
N VAL B 138 6.64 -19.52 -5.86
CA VAL B 138 7.90 -18.79 -5.76
C VAL B 138 8.63 -19.24 -4.51
N ARG B 139 9.89 -19.63 -4.67
CA ARG B 139 10.70 -20.15 -3.59
C ARG B 139 11.97 -19.33 -3.44
N VAL B 140 12.49 -19.30 -2.22
CA VAL B 140 13.79 -18.68 -1.96
C VAL B 140 14.87 -19.51 -2.63
N SER B 141 15.47 -18.97 -3.69
CA SER B 141 16.57 -19.67 -4.34
C SER B 141 17.80 -19.66 -3.45
N ARG B 142 18.13 -18.50 -2.89
CA ARG B 142 19.26 -18.39 -1.99
C ARG B 142 19.06 -17.21 -1.07
N GLU B 143 19.72 -17.26 0.08
CA GLU B 143 19.83 -16.12 0.97
C GLU B 143 21.30 -15.72 1.06
N LEU B 144 21.55 -14.43 0.85
CA LEU B 144 22.91 -13.93 0.82
C LEU B 144 23.09 -13.07 2.06
N ALA B 145 24.03 -13.45 2.92
CA ALA B 145 24.12 -12.82 4.23
C ALA B 145 25.57 -12.60 4.60
N GLY B 146 26.06 -11.40 4.35
CA GLY B 146 27.11 -10.83 5.15
C GLY B 146 27.01 -9.33 5.09
N HIS B 147 26.77 -8.71 6.25
CA HIS B 147 26.64 -7.27 6.37
C HIS B 147 26.43 -6.97 7.84
N THR B 148 27.27 -6.13 8.44
CA THR B 148 26.93 -5.61 9.75
C THR B 148 26.04 -4.39 9.54
N GLY B 149 24.96 -4.57 8.79
CA GLY B 149 24.11 -3.44 8.45
C GLY B 149 22.96 -3.89 7.57
N TYR B 150 21.94 -3.05 7.55
CA TYR B 150 20.76 -3.31 6.74
C TYR B 150 21.08 -3.21 5.25
N LEU B 151 20.40 -3.99 4.42
CA LEU B 151 20.58 -3.92 2.99
C LEU B 151 19.77 -2.80 2.49
N SER B 152 20.36 -1.90 1.75
CA SER B 152 19.71 -0.69 1.29
C SER B 152 19.26 -0.75 -0.16
N CYS B 153 20.09 -1.27 -1.06
CA CYS B 153 19.70 -1.40 -2.45
C CYS B 153 20.39 -2.61 -3.05
N CYS B 154 19.66 -3.34 -3.88
CA CYS B 154 20.19 -4.48 -4.59
C CYS B 154 19.79 -4.38 -6.05
N ARG B 155 20.72 -4.75 -6.93
CA ARG B 155 20.48 -4.66 -8.37
C ARG B 155 21.18 -5.83 -9.05
N PHE B 156 20.48 -6.46 -10.01
CA PHE B 156 21.02 -7.62 -10.68
C PHE B 156 21.92 -7.21 -11.83
N LEU B 157 23.11 -7.80 -11.88
CA LEU B 157 23.95 -7.74 -13.07
C LEU B 157 23.54 -8.81 -14.08
N ASP B 158 23.27 -10.00 -13.59
CA ASP B 158 22.75 -11.10 -14.40
C ASP B 158 22.07 -12.07 -13.44
N ASP B 159 21.64 -13.22 -13.96
CA ASP B 159 20.97 -14.19 -13.12
C ASP B 159 21.85 -14.72 -12.01
N ASN B 160 23.16 -14.54 -12.09
CA ASN B 160 24.09 -15.12 -11.13
C ASN B 160 24.84 -14.09 -10.29
N GLN B 161 24.84 -12.82 -10.66
CA GLN B 161 25.57 -11.80 -9.93
C GLN B 161 24.62 -10.68 -9.50
N ILE B 162 24.67 -10.33 -8.22
CA ILE B 162 23.85 -9.25 -7.68
C ILE B 162 24.73 -8.35 -6.82
N VAL B 163 24.69 -7.05 -7.10
CA VAL B 163 25.35 -6.06 -6.24
C VAL B 163 24.39 -5.69 -5.11
N THR B 164 24.95 -5.46 -3.92
CA THR B 164 24.18 -5.06 -2.76
C THR B 164 24.90 -3.92 -2.07
N SER B 165 24.13 -3.11 -1.36
CA SER B 165 24.65 -2.00 -0.57
C SER B 165 23.99 -2.06 0.79
N SER B 166 24.71 -1.63 1.82
CA SER B 166 24.23 -1.80 3.18
C SER B 166 24.68 -0.64 4.04
N GLY B 167 24.05 -0.52 5.20
CA GLY B 167 24.48 0.42 6.22
C GLY B 167 25.82 0.08 6.82
N ASP B 168 26.38 -1.06 6.47
CA ASP B 168 27.72 -1.45 6.87
C ASP B 168 28.80 -0.67 6.14
N THR B 169 28.44 0.38 5.41
CA THR B 169 29.40 1.24 4.73
C THR B 169 30.06 0.55 3.54
N THR B 170 29.48 -0.55 3.07
CA THR B 170 30.11 -1.34 2.03
C THR B 170 29.06 -1.79 1.01
N CYS B 171 29.54 -1.96 -0.22
CA CYS B 171 28.79 -2.64 -1.26
C CYS B 171 29.47 -3.97 -1.54
N ALA B 172 28.71 -4.91 -2.10
CA ALA B 172 29.22 -6.25 -2.29
C ALA B 172 28.67 -6.84 -3.58
N LEU B 173 29.52 -7.54 -4.30
CA LEU B 173 29.14 -8.27 -5.50
C LEU B 173 29.06 -9.75 -5.15
N TRP B 174 27.87 -10.32 -5.26
CA TRP B 174 27.59 -11.67 -4.81
C TRP B 174 27.51 -12.63 -5.98
N ASP B 175 28.10 -13.80 -5.83
CA ASP B 175 27.89 -14.91 -6.76
C ASP B 175 26.72 -15.72 -6.24
N ILE B 176 25.58 -15.65 -6.93
CA ILE B 176 24.35 -16.20 -6.38
C ILE B 176 24.43 -17.73 -6.31
N GLU B 177 25.10 -18.37 -7.25
CA GLU B 177 25.17 -19.83 -7.24
C GLU B 177 25.87 -20.32 -5.99
N THR B 178 26.98 -19.68 -5.62
CA THR B 178 27.75 -20.09 -4.45
C THR B 178 27.33 -19.36 -3.18
N GLY B 179 26.67 -18.21 -3.29
CA GLY B 179 26.29 -17.46 -2.12
C GLY B 179 27.43 -16.76 -1.42
N GLN B 180 28.47 -16.38 -2.16
CA GLN B 180 29.67 -15.81 -1.60
C GLN B 180 29.93 -14.45 -2.23
N GLN B 181 30.56 -13.57 -1.47
CA GLN B 181 30.93 -12.25 -1.97
C GLN B 181 32.12 -12.38 -2.91
N THR B 182 31.91 -12.10 -4.19
CA THR B 182 33.02 -12.11 -5.14
C THR B 182 33.95 -10.93 -4.88
N THR B 183 33.39 -9.75 -4.64
CA THR B 183 34.17 -8.56 -4.36
C THR B 183 33.42 -7.70 -3.35
N THR B 184 34.18 -6.98 -2.54
CA THR B 184 33.65 -6.09 -1.53
C THR B 184 34.17 -4.68 -1.79
N PHE B 185 33.27 -3.71 -1.79
CA PHE B 185 33.61 -2.31 -2.04
C PHE B 185 33.50 -1.56 -0.72
N THR B 186 34.60 -0.94 -0.30
CA THR B 186 34.75 -0.50 1.08
C THR B 186 35.11 0.98 1.25
N GLY B 187 35.04 1.78 0.20
CA GLY B 187 35.56 3.13 0.29
C GLY B 187 34.67 4.15 0.97
N HIS B 188 33.46 3.79 1.37
CA HIS B 188 32.55 4.76 1.96
C HIS B 188 32.84 4.93 3.45
N THR B 189 32.14 5.89 4.06
CA THR B 189 32.22 6.11 5.50
C THR B 189 30.86 6.15 6.18
N GLY B 190 29.78 6.44 5.47
CA GLY B 190 28.45 6.33 6.00
C GLY B 190 27.70 5.16 5.41
N ASP B 191 26.40 5.12 5.72
CA ASP B 191 25.55 4.09 5.16
C ASP B 191 25.38 4.33 3.66
N VAL B 192 25.56 3.28 2.87
CA VAL B 192 25.29 3.34 1.44
C VAL B 192 23.80 3.15 1.23
N MET B 193 23.16 4.10 0.55
CA MET B 193 21.70 4.15 0.45
C MET B 193 21.16 3.79 -0.92
N SER B 194 21.93 3.96 -1.98
CA SER B 194 21.41 3.64 -3.31
C SER B 194 22.54 3.20 -4.23
N LEU B 195 22.21 2.30 -5.14
CA LEU B 195 23.10 1.84 -6.19
C LEU B 195 22.46 2.11 -7.54
N SER B 196 23.30 2.34 -8.54
CA SER B 196 22.86 2.40 -9.93
C SER B 196 23.89 1.70 -10.79
N LEU B 197 23.46 0.68 -11.51
CA LEU B 197 24.35 0.00 -12.44
C LEU B 197 24.41 0.75 -13.76
N ALA B 198 25.63 0.89 -14.29
CA ALA B 198 25.77 1.52 -15.59
C ALA B 198 25.10 0.66 -16.65
N PRO B 199 24.69 1.25 -17.78
CA PRO B 199 24.05 0.43 -18.82
C PRO B 199 24.90 -0.74 -19.27
N ASP B 200 26.23 -0.58 -19.32
CA ASP B 200 27.11 -1.66 -19.71
C ASP B 200 27.40 -2.63 -18.57
N THR B 201 26.94 -2.34 -17.36
CA THR B 201 27.11 -3.20 -16.19
C THR B 201 28.56 -3.39 -15.78
N ARG B 202 29.48 -2.62 -16.35
CA ARG B 202 30.87 -2.68 -15.91
C ARG B 202 31.12 -1.77 -14.71
N LEU B 203 30.35 -0.69 -14.58
CA LEU B 203 30.50 0.26 -13.48
C LEU B 203 29.17 0.45 -12.77
N PHE B 204 29.24 0.82 -11.49
CA PHE B 204 28.05 1.21 -10.75
C PHE B 204 28.41 2.30 -9.75
N VAL B 205 27.45 3.17 -9.49
CA VAL B 205 27.63 4.34 -8.63
C VAL B 205 26.79 4.16 -7.38
N SER B 206 27.41 4.40 -6.22
CA SER B 206 26.77 4.22 -4.93
C SER B 206 26.79 5.55 -4.19
N GLY B 207 25.62 6.00 -3.77
CA GLY B 207 25.50 7.15 -2.90
C GLY B 207 25.40 6.70 -1.45
N ALA B 208 25.92 7.50 -0.54
CA ALA B 208 25.95 7.14 0.86
C ALA B 208 25.62 8.36 1.71
N CYS B 209 25.37 8.10 3.00
CA CYS B 209 25.07 9.15 3.94
C CYS B 209 26.25 10.08 4.18
N ASP B 210 27.44 9.71 3.72
CA ASP B 210 28.61 10.59 3.81
C ASP B 210 28.60 11.70 2.77
N ALA B 211 27.46 11.97 2.14
CA ALA B 211 27.32 13.07 1.19
C ALA B 211 28.24 12.91 -0.01
N SER B 212 28.65 11.69 -0.34
CA SER B 212 29.50 11.45 -1.48
C SER B 212 28.96 10.28 -2.30
N ALA B 213 29.06 10.41 -3.62
CA ALA B 213 28.74 9.35 -4.56
C ALA B 213 30.03 8.84 -5.18
N LYS B 214 30.25 7.54 -5.10
CA LYS B 214 31.47 6.93 -5.58
C LYS B 214 31.17 6.01 -6.76
N LEU B 215 32.02 6.07 -7.78
CA LEU B 215 31.94 5.17 -8.91
C LEU B 215 32.85 3.98 -8.68
N TRP B 216 32.32 2.78 -8.89
CA TRP B 216 33.03 1.53 -8.64
C TRP B 216 33.13 0.72 -9.91
N ASP B 217 34.30 0.14 -10.15
CA ASP B 217 34.48 -0.81 -11.25
C ASP B 217 34.12 -2.20 -10.73
N VAL B 218 33.09 -2.79 -11.34
CA VAL B 218 32.57 -4.06 -10.83
C VAL B 218 33.63 -5.14 -10.92
N ARG B 219 34.44 -5.13 -11.98
CA ARG B 219 35.42 -6.19 -12.17
C ARG B 219 36.68 -5.94 -11.36
N GLU B 220 37.21 -4.72 -11.40
CA GLU B 220 38.45 -4.42 -10.69
C GLU B 220 38.26 -4.26 -9.19
N GLY B 221 37.05 -3.97 -8.74
CA GLY B 221 36.78 -3.87 -7.32
C GLY B 221 37.32 -2.63 -6.64
N MET B 222 37.64 -1.58 -7.39
CA MET B 222 38.26 -0.39 -6.84
C MET B 222 37.41 0.82 -7.15
N CYS B 223 37.47 1.81 -6.25
CA CYS B 223 36.76 3.07 -6.43
C CYS B 223 37.49 3.91 -7.46
N ARG B 224 36.88 4.10 -8.63
CA ARG B 224 37.53 4.87 -9.68
C ARG B 224 37.51 6.37 -9.39
N GLN B 225 36.39 6.89 -8.88
CA GLN B 225 36.25 8.31 -8.62
C GLN B 225 35.29 8.51 -7.45
N THR B 226 35.40 9.66 -6.80
CA THR B 226 34.47 10.06 -5.75
C THR B 226 33.94 11.45 -6.04
N PHE B 227 32.62 11.63 -5.86
CA PHE B 227 31.94 12.89 -6.10
C PHE B 227 31.36 13.38 -4.79
N THR B 228 31.55 14.67 -4.48
CA THR B 228 31.32 15.16 -3.13
C THR B 228 30.54 16.47 -3.08
N GLY B 229 29.68 16.75 -4.04
CA GLY B 229 29.04 18.05 -4.11
C GLY B 229 27.92 18.28 -3.11
N HIS B 230 27.34 17.22 -2.56
CA HIS B 230 26.14 17.37 -1.76
C HIS B 230 26.48 17.86 -0.35
N GLU B 231 25.43 18.27 0.37
CA GLU B 231 25.56 18.70 1.75
C GLU B 231 25.04 17.69 2.75
N SER B 232 24.28 16.69 2.32
CA SER B 232 23.69 15.72 3.24
C SER B 232 23.62 14.38 2.55
N ASP B 233 22.91 13.43 3.18
CA ASP B 233 22.84 12.07 2.69
C ASP B 233 22.32 12.01 1.26
N ILE B 234 22.99 11.20 0.43
CA ILE B 234 22.52 10.93 -0.92
C ILE B 234 21.55 9.75 -0.88
N ASN B 235 20.26 10.06 -0.83
CA ASN B 235 19.26 9.01 -0.66
C ASN B 235 19.02 8.21 -1.94
N ALA B 236 19.27 8.81 -3.11
CA ALA B 236 18.97 8.15 -4.36
C ALA B 236 20.05 8.45 -5.37
N ILE B 237 20.23 7.53 -6.31
CA ILE B 237 21.23 7.67 -7.36
C ILE B 237 20.71 6.95 -8.60
N CYS B 238 20.97 7.48 -9.80
CA CYS B 238 20.53 6.88 -11.06
C CYS B 238 21.40 7.22 -12.22
N PHE B 239 21.81 6.25 -13.00
CA PHE B 239 22.77 6.50 -14.02
C PHE B 239 22.05 7.15 -15.15
N PHE B 240 22.74 7.98 -15.91
CA PHE B 240 22.17 8.65 -17.05
C PHE B 240 22.13 7.53 -18.01
N PRO B 241 21.34 7.65 -19.06
CA PRO B 241 21.18 6.45 -19.89
C PRO B 241 22.41 6.05 -20.71
N ASN B 242 23.34 6.96 -20.97
CA ASN B 242 24.52 6.60 -21.76
C ASN B 242 25.69 6.19 -20.91
N GLY B 243 25.57 6.22 -19.58
CA GLY B 243 26.62 5.79 -18.70
C GLY B 243 27.73 6.79 -18.48
N ASN B 244 27.64 7.97 -19.07
CA ASN B 244 28.65 9.01 -18.88
C ASN B 244 28.30 9.99 -17.76
N ALA B 245 27.08 9.96 -17.23
CA ALA B 245 26.69 10.83 -16.14
C ALA B 245 25.68 10.10 -15.27
N PHE B 246 25.49 10.61 -14.06
CA PHE B 246 24.53 10.01 -13.14
C PHE B 246 23.96 11.10 -12.25
N ALA B 247 22.68 10.95 -11.91
CA ALA B 247 22.00 11.90 -11.05
C ALA B 247 21.99 11.41 -9.62
N THR B 248 21.84 12.35 -8.70
CA THR B 248 21.81 12.07 -7.27
C THR B 248 20.68 12.86 -6.64
N GLY B 249 20.20 12.37 -5.50
CA GLY B 249 19.24 13.10 -4.71
C GLY B 249 19.57 13.00 -3.24
N SER B 250 19.40 14.08 -2.49
CA SER B 250 19.89 14.14 -1.13
C SER B 250 18.76 14.58 -0.19
N ASP B 251 19.01 14.45 1.12
CA ASP B 251 18.08 14.88 2.15
C ASP B 251 18.01 16.38 1.93
N ASP B 252 19.10 17.07 1.72
CA ASP B 252 19.04 18.44 1.24
C ASP B 252 18.30 18.43 -0.08
N ALA B 253 17.35 19.35 -0.24
CA ALA B 253 16.41 19.23 -1.34
C ALA B 253 17.06 19.65 -2.65
N THR B 254 18.18 19.00 -2.99
CA THR B 254 18.91 19.29 -4.20
C THR B 254 19.28 17.99 -4.88
N CYS B 255 18.98 17.89 -6.17
CA CYS B 255 19.55 16.87 -7.03
C CYS B 255 20.75 17.46 -7.75
N ARG B 256 21.69 16.59 -8.10
CA ARG B 256 22.89 17.02 -8.80
C ARG B 256 23.23 16.02 -9.89
N LEU B 257 23.66 16.54 -11.04
CA LEU B 257 24.06 15.72 -12.18
C LEU B 257 25.58 15.77 -12.29
N PHE B 258 26.21 14.61 -12.17
CA PHE B 258 27.65 14.47 -12.23
C PHE B 258 28.04 13.80 -13.55
N ASP B 259 29.14 14.24 -14.14
CA ASP B 259 29.69 13.60 -15.33
C ASP B 259 30.97 12.87 -14.96
N LEU B 260 31.05 11.60 -15.38
CA LEU B 260 32.23 10.79 -15.07
C LEU B 260 33.46 11.33 -15.77
N ARG B 261 33.33 11.70 -17.04
CA ARG B 261 34.48 12.22 -17.77
C ARG B 261 34.95 13.55 -17.20
N ALA B 262 34.02 14.44 -16.88
CA ALA B 262 34.38 15.72 -16.29
C ALA B 262 34.68 15.62 -14.80
N ASP B 263 34.23 14.56 -14.13
CA ASP B 263 34.57 14.32 -12.74
C ASP B 263 34.10 15.45 -11.82
N GLN B 264 32.98 16.09 -12.15
CA GLN B 264 32.45 17.17 -11.31
C GLN B 264 30.99 17.41 -11.63
N GLU B 265 30.33 18.19 -10.77
CA GLU B 265 28.94 18.56 -10.99
C GLU B 265 28.81 19.34 -12.28
N LEU B 266 27.83 18.96 -13.11
CA LEU B 266 27.48 19.75 -14.26
C LEU B 266 26.28 20.66 -14.02
N MET B 267 25.32 20.21 -13.21
CA MET B 267 24.10 20.97 -12.98
C MET B 267 23.59 20.67 -11.58
N THR B 268 22.81 21.59 -11.04
CA THR B 268 22.14 21.42 -9.76
C THR B 268 20.68 21.77 -9.91
N TYR B 269 19.81 20.96 -9.32
CA TYR B 269 18.37 21.08 -9.47
C TYR B 269 17.78 21.36 -8.10
N SER B 270 17.42 22.61 -7.84
CA SER B 270 16.79 22.97 -6.58
C SER B 270 15.86 24.15 -6.81
N HIS B 271 14.77 24.17 -6.04
CA HIS B 271 13.82 25.27 -6.09
C HIS B 271 13.43 25.60 -4.66
N ASP B 272 13.32 26.89 -4.36
CA ASP B 272 13.17 27.31 -2.97
C ASP B 272 11.85 26.85 -2.36
N ASN B 273 10.87 26.48 -3.18
CA ASN B 273 9.63 25.93 -2.65
C ASN B 273 9.81 24.51 -2.12
N ILE B 274 10.97 23.89 -2.34
CA ILE B 274 11.23 22.52 -1.91
C ILE B 274 12.18 22.57 -0.73
N ILE B 275 11.76 21.97 0.38
CA ILE B 275 12.58 21.94 1.60
C ILE B 275 12.61 20.53 2.14
N CYS B 276 12.36 19.55 1.26
CA CYS B 276 12.27 18.15 1.67
C CYS B 276 13.19 17.31 0.80
N GLY B 277 13.66 16.21 1.38
CA GLY B 277 14.73 15.44 0.79
C GLY B 277 14.25 14.57 -0.37
N ILE B 278 15.16 14.35 -1.33
CA ILE B 278 14.87 13.46 -2.45
C ILE B 278 14.86 12.03 -1.96
N THR B 279 13.78 11.30 -2.27
CA THR B 279 13.69 9.90 -1.91
C THR B 279 14.05 8.96 -3.05
N SER B 280 13.81 9.37 -4.30
CA SER B 280 14.10 8.53 -5.45
C SER B 280 14.40 9.42 -6.64
N VAL B 281 15.22 8.92 -7.56
CA VAL B 281 15.62 9.64 -8.75
C VAL B 281 15.76 8.67 -9.90
N SER B 282 15.19 9.00 -11.06
CA SER B 282 15.41 8.23 -12.27
C SER B 282 15.20 9.10 -13.49
N PHE B 283 15.96 8.81 -14.54
CA PHE B 283 15.91 9.54 -15.80
C PHE B 283 14.88 8.93 -16.74
N SER B 284 14.41 9.75 -17.68
CA SER B 284 13.66 9.22 -18.80
C SER B 284 14.59 8.52 -19.78
N LYS B 285 14.00 7.88 -20.79
CA LYS B 285 14.80 7.09 -21.73
C LYS B 285 15.84 7.95 -22.43
N SER B 286 15.46 9.15 -22.84
CA SER B 286 16.39 10.04 -23.54
C SER B 286 17.34 10.75 -22.60
N GLY B 287 17.04 10.77 -21.30
CA GLY B 287 17.82 11.54 -20.36
C GLY B 287 17.42 12.98 -20.22
N ARG B 288 16.49 13.46 -21.05
CA ARG B 288 16.10 14.86 -20.99
C ARG B 288 15.29 15.20 -19.74
N LEU B 289 14.62 14.21 -19.15
CA LEU B 289 13.83 14.43 -17.95
C LEU B 289 14.47 13.70 -16.77
N LEU B 290 14.61 14.39 -15.66
CA LEU B 290 15.02 13.79 -14.40
C LEU B 290 13.83 13.86 -13.44
N LEU B 291 13.40 12.71 -12.95
CA LEU B 291 12.23 12.61 -12.09
C LEU B 291 12.68 12.27 -10.68
N ALA B 292 12.11 12.94 -9.70
CA ALA B 292 12.53 12.76 -8.33
C ALA B 292 11.34 12.76 -7.40
N GLY B 293 11.43 11.94 -6.35
CA GLY B 293 10.45 11.92 -5.28
C GLY B 293 11.00 12.69 -4.10
N TYR B 294 10.08 13.33 -3.38
CA TYR B 294 10.49 14.30 -2.42
C TYR B 294 10.07 14.31 -1.01
N ASP B 295 9.08 13.55 -0.61
CA ASP B 295 8.56 13.67 0.75
C ASP B 295 7.64 14.86 0.90
N ASP B 296 7.42 15.61 -0.17
CA ASP B 296 6.64 16.78 -0.08
C ASP B 296 5.27 16.27 0.23
N PHE B 297 4.59 15.69 -0.76
CA PHE B 297 4.73 14.31 -1.18
C PHE B 297 4.82 14.11 -2.70
N ASN B 298 4.63 15.14 -3.50
CA ASN B 298 4.59 14.96 -4.94
C ASN B 298 5.99 14.71 -5.52
N CYS B 299 6.01 14.21 -6.75
CA CYS B 299 7.21 14.08 -7.56
C CYS B 299 7.35 15.27 -8.49
N ASN B 300 8.57 15.57 -8.89
CA ASN B 300 8.86 16.68 -9.78
C ASN B 300 9.69 16.19 -10.96
N VAL B 301 9.40 16.72 -12.13
CA VAL B 301 10.12 16.38 -13.36
C VAL B 301 11.01 17.57 -13.71
N TRP B 302 12.31 17.32 -13.79
CA TRP B 302 13.29 18.35 -14.05
C TRP B 302 13.87 18.20 -15.44
N ASP B 303 13.99 19.31 -16.15
CA ASP B 303 14.73 19.32 -17.41
C ASP B 303 16.20 19.08 -17.09
N ALA B 304 16.71 17.91 -17.46
CA ALA B 304 18.07 17.54 -17.06
C ALA B 304 19.11 18.51 -17.59
N LEU B 305 18.81 19.23 -18.67
CA LEU B 305 19.77 20.17 -19.24
C LEU B 305 19.47 21.63 -18.93
N LYS B 306 18.21 22.00 -18.79
CA LYS B 306 17.84 23.38 -18.50
C LYS B 306 17.62 23.64 -17.01
N ALA B 307 17.50 22.59 -16.21
CA ALA B 307 17.34 22.69 -14.76
C ALA B 307 15.98 23.23 -14.34
N ASP B 308 15.14 23.60 -15.30
CA ASP B 308 13.83 24.12 -14.97
C ASP B 308 12.87 23.00 -14.60
N ARG B 309 12.07 23.23 -13.57
CA ARG B 309 11.06 22.26 -13.17
C ARG B 309 10.01 22.16 -14.26
N ALA B 310 9.94 21.01 -14.93
CA ALA B 310 9.08 20.85 -16.09
C ALA B 310 7.68 20.38 -15.76
N GLY B 311 7.43 19.90 -14.56
CA GLY B 311 6.12 19.37 -14.23
C GLY B 311 6.11 18.77 -12.84
N VAL B 312 4.94 18.26 -12.47
CA VAL B 312 4.73 17.70 -11.14
C VAL B 312 3.77 16.53 -11.25
N LEU B 313 4.00 15.50 -10.44
CA LEU B 313 3.10 14.37 -10.27
C LEU B 313 2.59 14.40 -8.84
N ALA B 314 1.33 14.77 -8.66
CA ALA B 314 0.82 15.11 -7.33
C ALA B 314 0.14 13.96 -6.61
N GLY B 315 -0.26 12.91 -7.32
CA GLY B 315 -1.22 11.98 -6.77
C GLY B 315 -0.73 10.99 -5.73
N HIS B 316 -0.22 11.47 -4.59
CA HIS B 316 0.09 10.59 -3.47
C HIS B 316 -0.32 11.22 -2.16
N ASP B 317 -0.81 10.39 -1.24
CA ASP B 317 -1.23 10.83 0.08
C ASP B 317 -0.13 10.72 1.12
N ASN B 318 1.05 10.22 0.75
CA ASN B 318 2.19 10.17 1.65
C ASN B 318 3.44 10.17 0.78
N ARG B 319 4.60 10.12 1.44
CA ARG B 319 5.83 10.45 0.74
C ARG B 319 6.15 9.41 -0.33
N VAL B 320 6.57 9.90 -1.50
CA VAL B 320 7.05 9.02 -2.55
C VAL B 320 8.34 8.37 -2.08
N SER B 321 8.41 7.06 -2.20
CA SER B 321 9.56 6.30 -1.75
C SER B 321 10.35 5.66 -2.88
N CYS B 322 9.72 5.49 -4.02
CA CYS B 322 10.36 4.89 -5.12
C CYS B 322 9.92 5.51 -6.40
N LEU B 323 10.71 5.41 -7.45
CA LEU B 323 10.36 6.06 -8.71
C LEU B 323 11.20 5.40 -9.81
N GLY B 324 10.56 4.55 -10.60
CA GLY B 324 11.25 3.82 -11.65
C GLY B 324 10.67 4.05 -13.03
N VAL B 325 11.47 4.60 -13.93
CA VAL B 325 11.03 4.80 -15.32
C VAL B 325 11.21 3.51 -16.08
N THR B 326 10.18 3.13 -16.83
CA THR B 326 10.19 1.88 -17.58
C THR B 326 11.34 1.87 -18.59
N ASP B 327 11.92 0.69 -18.80
CA ASP B 327 13.04 0.57 -19.74
C ASP B 327 12.63 0.99 -21.14
N ASP B 328 11.37 0.74 -21.51
CA ASP B 328 10.84 1.24 -22.78
C ASP B 328 10.54 2.73 -22.73
N GLY B 329 10.68 3.37 -21.58
CA GLY B 329 10.43 4.79 -21.45
C GLY B 329 8.97 5.17 -21.45
N MET B 330 8.07 4.20 -21.43
CA MET B 330 6.66 4.44 -21.68
C MET B 330 5.87 4.81 -20.43
N ALA B 331 6.42 4.62 -19.24
CA ALA B 331 5.67 4.89 -18.03
C ALA B 331 6.63 5.13 -16.87
N VAL B 332 6.13 5.83 -15.87
CA VAL B 332 6.86 6.10 -14.64
C VAL B 332 6.05 5.56 -13.48
N ALA B 333 6.63 4.61 -12.76
CA ALA B 333 6.00 4.09 -11.55
C ALA B 333 6.46 4.90 -10.36
N THR B 334 5.57 5.07 -9.40
CA THR B 334 5.85 5.85 -8.19
C THR B 334 5.17 5.15 -7.02
N GLY B 335 5.95 4.64 -6.09
CA GLY B 335 5.43 4.05 -4.88
C GLY B 335 5.51 5.04 -3.74
N SER B 336 4.59 4.90 -2.79
CA SER B 336 4.50 5.81 -1.67
C SER B 336 4.08 5.05 -0.43
N TRP B 337 4.33 5.67 0.73
CA TRP B 337 3.98 5.06 2.00
C TRP B 337 2.48 4.90 2.17
N ASP B 338 1.68 5.50 1.30
CA ASP B 338 0.23 5.33 1.31
C ASP B 338 -0.21 3.96 0.80
N SER B 339 0.73 3.08 0.49
CA SER B 339 0.48 1.70 0.07
C SER B 339 0.03 1.59 -1.39
N PHE B 340 0.13 2.65 -2.17
CA PHE B 340 -0.32 2.63 -3.55
C PHE B 340 0.85 2.87 -4.50
N LEU B 341 0.79 2.23 -5.66
CA LEU B 341 1.67 2.53 -6.78
C LEU B 341 0.86 3.19 -7.88
N LYS B 342 1.39 4.29 -8.40
CA LYS B 342 0.76 5.02 -9.48
C LYS B 342 1.65 4.91 -10.71
N ILE B 343 1.07 4.53 -11.84
CA ILE B 343 1.79 4.45 -13.10
C ILE B 343 1.35 5.61 -13.98
N TRP B 344 2.31 6.42 -14.39
CA TRP B 344 2.06 7.68 -15.08
C TRP B 344 2.59 7.58 -16.50
N ASN B 345 1.89 8.23 -17.43
CA ASN B 345 2.33 8.30 -18.81
C ASN B 345 1.94 9.65 -19.39
N GLY B 346 2.53 10.00 -20.52
CA GLY B 346 2.27 11.27 -21.15
C GLY B 346 0.80 11.49 -21.43
N SER B 347 0.46 12.76 -21.68
CA SER B 347 -0.92 13.15 -21.91
C SER B 347 -1.44 12.63 -23.24
N SER B 348 -0.82 13.06 -24.34
CA SER B 348 -1.31 12.74 -25.66
C SER B 348 -0.64 11.48 -26.21
N PHE C 26 -53.56 36.62 12.53
CA PHE C 26 -53.75 35.19 12.87
C PHE C 26 -53.73 34.33 11.62
N PHE C 27 -52.55 33.79 11.29
CA PHE C 27 -52.40 32.88 10.16
C PHE C 27 -51.56 31.70 10.60
N LEU C 28 -51.90 30.52 10.09
CA LEU C 28 -51.37 29.27 10.58
C LEU C 28 -50.08 28.91 9.85
N PHE C 29 -48.99 28.78 10.61
CA PHE C 29 -47.81 28.10 10.10
C PHE C 29 -48.11 26.61 9.97
N ARG C 30 -47.21 25.90 9.30
CA ARG C 30 -47.41 24.48 9.06
C ARG C 30 -46.19 23.68 9.51
N PRO C 31 -46.39 22.47 10.05
CA PRO C 31 -45.26 21.72 10.61
C PRO C 31 -44.16 21.48 9.61
N ARG C 32 -42.93 21.36 10.14
CA ARG C 32 -41.74 21.12 9.34
C ARG C 32 -41.64 19.62 8.99
N ASN C 33 -42.53 19.18 8.12
CA ASN C 33 -42.47 17.82 7.64
C ASN C 33 -41.36 17.71 6.61
N GLN C 34 -40.62 16.62 6.64
N VAL D 2 7.62 -33.90 -9.53
CA VAL D 2 6.29 -33.50 -10.04
C VAL D 2 5.59 -34.69 -10.66
N GLN D 3 4.48 -35.13 -10.05
CA GLN D 3 3.74 -36.28 -10.54
C GLN D 3 2.25 -36.03 -10.45
N LEU D 4 1.54 -36.48 -11.49
CA LEU D 4 0.09 -36.56 -11.50
C LEU D 4 -0.26 -37.99 -11.85
N VAL D 5 -0.81 -38.73 -10.88
CA VAL D 5 -1.08 -40.16 -11.04
C VAL D 5 -2.57 -40.36 -10.92
N GLU D 6 -3.21 -40.75 -12.02
CA GLU D 6 -4.65 -40.95 -12.03
C GLU D 6 -5.01 -42.34 -11.52
N SER D 7 -6.18 -42.43 -10.89
CA SER D 7 -6.68 -43.68 -10.36
C SER D 7 -8.13 -43.83 -10.77
N GLY D 8 -8.61 -45.07 -10.74
CA GLY D 8 -9.94 -45.38 -11.23
C GLY D 8 -9.89 -46.13 -12.53
N GLY D 9 -10.80 -45.81 -13.45
CA GLY D 9 -10.78 -46.50 -14.72
C GLY D 9 -11.34 -47.90 -14.60
N GLY D 10 -10.79 -48.80 -15.41
CA GLY D 10 -11.30 -50.16 -15.46
C GLY D 10 -12.45 -50.29 -16.46
N LEU D 11 -13.34 -51.23 -16.19
CA LEU D 11 -14.45 -51.55 -17.06
C LEU D 11 -15.76 -51.13 -16.39
N VAL D 12 -16.64 -50.48 -17.15
CA VAL D 12 -17.93 -50.03 -16.66
C VAL D 12 -19.00 -50.43 -17.66
N GLN D 13 -20.13 -50.94 -17.15
CA GLN D 13 -21.29 -51.20 -17.99
C GLN D 13 -21.94 -49.88 -18.39
N PRO D 14 -22.53 -49.79 -19.58
CA PRO D 14 -23.15 -48.53 -19.98
C PRO D 14 -24.19 -48.07 -18.97
N GLY D 15 -24.30 -46.75 -18.82
CA GLY D 15 -25.21 -46.16 -17.87
C GLY D 15 -24.72 -46.15 -16.44
N GLY D 16 -23.55 -46.74 -16.17
CA GLY D 16 -23.02 -46.77 -14.83
C GLY D 16 -22.39 -45.44 -14.45
N SER D 17 -21.81 -45.44 -13.25
CA SER D 17 -21.08 -44.29 -12.74
C SER D 17 -19.67 -44.73 -12.37
N ARG D 18 -18.72 -43.83 -12.56
CA ARG D 18 -17.34 -44.10 -12.19
C ARG D 18 -16.72 -42.79 -11.70
N LYS D 19 -15.65 -42.93 -10.92
CA LYS D 19 -15.06 -41.84 -10.16
C LYS D 19 -13.55 -41.84 -10.39
N LEU D 20 -13.11 -41.11 -11.41
CA LEU D 20 -11.68 -40.94 -11.63
C LEU D 20 -11.11 -39.96 -10.62
N SER D 21 -9.89 -40.24 -10.17
CA SER D 21 -9.18 -39.34 -9.27
C SER D 21 -7.73 -39.27 -9.70
N CYS D 22 -7.10 -38.13 -9.43
CA CYS D 22 -5.69 -37.93 -9.72
C CYS D 22 -5.02 -37.30 -8.51
N SER D 23 -3.89 -37.86 -8.11
CA SER D 23 -3.14 -37.38 -6.97
C SER D 23 -1.99 -36.52 -7.46
N ALA D 24 -1.88 -35.31 -6.92
CA ALA D 24 -0.84 -34.37 -7.28
C ALA D 24 0.24 -34.37 -6.21
N SER D 25 1.49 -34.48 -6.64
CA SER D 25 2.60 -34.43 -5.71
C SER D 25 3.76 -33.70 -6.36
N GLY D 26 4.51 -32.98 -5.55
CA GLY D 26 5.68 -32.26 -6.02
C GLY D 26 5.41 -30.89 -6.59
N PHE D 27 4.20 -30.36 -6.47
CA PHE D 27 3.96 -28.98 -6.87
C PHE D 27 2.79 -28.42 -6.07
N ALA D 28 2.71 -27.09 -6.06
CA ALA D 28 1.71 -26.36 -5.28
C ALA D 28 0.34 -26.55 -5.92
N PHE D 29 -0.24 -27.72 -5.69
CA PHE D 29 -1.48 -28.10 -6.36
C PHE D 29 -2.54 -27.02 -6.24
N SER D 30 -2.61 -26.35 -5.08
CA SER D 30 -3.66 -25.36 -4.87
C SER D 30 -3.61 -24.26 -5.93
N SER D 31 -2.42 -23.83 -6.31
CA SER D 31 -2.29 -22.69 -7.21
C SER D 31 -2.50 -23.04 -8.67
N PHE D 32 -2.66 -24.32 -8.99
CA PHE D 32 -2.75 -24.78 -10.37
C PHE D 32 -4.19 -25.07 -10.75
N GLY D 33 -4.61 -24.57 -11.91
CA GLY D 33 -5.83 -25.05 -12.52
C GLY D 33 -5.63 -26.41 -13.15
N MET D 34 -6.70 -27.21 -13.17
CA MET D 34 -6.62 -28.58 -13.64
C MET D 34 -7.60 -28.80 -14.78
N HIS D 35 -7.18 -29.60 -15.75
CA HIS D 35 -8.00 -29.97 -16.90
C HIS D 35 -8.04 -31.48 -17.02
N TRP D 36 -9.14 -31.99 -17.56
CA TRP D 36 -9.24 -33.38 -17.97
C TRP D 36 -9.30 -33.43 -19.49
N VAL D 37 -8.39 -34.20 -20.09
CA VAL D 37 -8.34 -34.37 -21.53
C VAL D 37 -8.37 -35.86 -21.83
N ARG D 38 -9.32 -36.29 -22.64
CA ARG D 38 -9.52 -37.68 -22.97
C ARG D 38 -8.89 -37.99 -24.33
N GLN D 39 -8.64 -39.27 -24.57
CA GLN D 39 -8.16 -39.74 -25.86
C GLN D 39 -8.81 -41.07 -26.16
N ALA D 40 -9.81 -41.08 -27.04
CA ALA D 40 -10.42 -42.33 -27.42
C ALA D 40 -9.37 -43.20 -28.11
N PRO D 41 -9.52 -44.52 -28.05
CA PRO D 41 -8.50 -45.39 -28.65
C PRO D 41 -8.24 -45.01 -30.10
N GLU D 42 -6.95 -44.87 -30.43
CA GLU D 42 -6.48 -44.57 -31.78
C GLU D 42 -7.15 -43.32 -32.38
N LYS D 43 -7.75 -42.48 -31.55
CA LYS D 43 -8.31 -41.20 -31.98
C LYS D 43 -7.57 -40.06 -31.28
N GLY D 44 -8.01 -38.84 -31.57
CA GLY D 44 -7.32 -37.66 -31.09
C GLY D 44 -7.71 -37.27 -29.67
N LEU D 45 -7.03 -36.24 -29.18
CA LEU D 45 -7.33 -35.70 -27.86
C LEU D 45 -8.64 -34.93 -27.88
N GLU D 46 -9.34 -34.92 -26.74
CA GLU D 46 -10.57 -34.16 -26.61
C GLU D 46 -10.67 -33.60 -25.20
N TRP D 47 -11.06 -32.33 -25.09
CA TRP D 47 -11.17 -31.66 -23.80
C TRP D 47 -12.43 -32.10 -23.07
N VAL D 48 -12.34 -32.20 -21.74
CA VAL D 48 -13.44 -32.74 -20.94
C VAL D 48 -13.96 -31.72 -19.95
N ALA D 49 -13.10 -31.27 -19.03
CA ALA D 49 -13.56 -30.42 -17.93
C ALA D 49 -12.40 -29.58 -17.42
N TYR D 50 -12.75 -28.51 -16.70
CA TYR D 50 -11.78 -27.60 -16.12
C TYR D 50 -12.27 -27.14 -14.76
N ILE D 51 -11.34 -27.01 -13.81
CA ILE D 51 -11.63 -26.45 -12.49
C ILE D 51 -10.46 -25.54 -12.13
N SER D 52 -10.75 -24.26 -11.92
CA SER D 52 -9.70 -23.29 -11.65
C SER D 52 -9.23 -23.38 -10.21
N SER D 53 -8.14 -22.68 -9.92
CA SER D 53 -7.64 -22.61 -8.56
C SER D 53 -8.71 -22.00 -7.65
N GLY D 54 -8.85 -22.57 -6.46
CA GLY D 54 -9.91 -22.16 -5.57
C GLY D 54 -11.29 -22.55 -6.05
N SER D 55 -11.34 -23.38 -7.09
CA SER D 55 -12.58 -23.90 -7.62
C SER D 55 -13.56 -22.80 -8.02
N GLY D 56 -13.05 -21.62 -8.35
CA GLY D 56 -13.94 -20.51 -8.65
C GLY D 56 -14.66 -20.64 -9.98
N THR D 57 -14.05 -21.32 -10.94
CA THR D 57 -14.61 -21.44 -12.28
C THR D 57 -14.53 -22.88 -12.74
N ILE D 58 -15.63 -23.38 -13.28
CA ILE D 58 -15.71 -24.73 -13.82
C ILE D 58 -16.33 -24.68 -15.19
N TYR D 59 -15.74 -25.40 -16.14
CA TYR D 59 -16.28 -25.51 -17.49
C TYR D 59 -16.28 -26.97 -17.90
N TYR D 60 -17.21 -27.31 -18.79
CA TYR D 60 -17.32 -28.67 -19.30
C TYR D 60 -17.50 -28.61 -20.81
N ALA D 61 -17.10 -29.68 -21.47
CA ALA D 61 -17.43 -29.85 -22.88
C ALA D 61 -18.93 -30.10 -23.02
N ASP D 62 -19.49 -29.60 -24.12
CA ASP D 62 -20.93 -29.79 -24.34
C ASP D 62 -21.30 -31.27 -24.33
N THR D 63 -20.38 -32.13 -24.74
CA THR D 63 -20.61 -33.57 -24.69
C THR D 63 -20.48 -34.15 -23.30
N VAL D 64 -20.23 -33.30 -22.29
CA VAL D 64 -20.05 -33.76 -20.92
C VAL D 64 -20.94 -33.03 -19.93
N LYS D 65 -21.48 -31.87 -20.26
CA LYS D 65 -22.26 -31.09 -19.30
C LYS D 65 -23.30 -31.95 -18.60
N GLY D 66 -23.35 -31.81 -17.28
CA GLY D 66 -24.32 -32.53 -16.48
C GLY D 66 -23.91 -33.96 -16.21
N ARG D 67 -23.41 -34.65 -17.23
CA ARG D 67 -23.06 -36.06 -17.08
C ARG D 67 -21.90 -36.25 -16.12
N PHE D 68 -20.86 -35.41 -16.23
CA PHE D 68 -19.68 -35.50 -15.39
C PHE D 68 -19.54 -34.25 -14.54
N THR D 69 -19.00 -34.42 -13.34
CA THR D 69 -18.76 -33.32 -12.42
C THR D 69 -17.30 -33.37 -11.97
N ILE D 70 -16.63 -32.22 -12.02
CA ILE D 70 -15.21 -32.10 -11.67
C ILE D 70 -15.09 -31.39 -10.34
N SER D 71 -14.33 -31.96 -9.42
CA SER D 71 -14.14 -31.37 -8.10
C SER D 71 -12.71 -31.64 -7.64
N ARG D 72 -12.25 -30.82 -6.71
CA ARG D 72 -10.89 -30.90 -6.20
C ARG D 72 -10.89 -30.73 -4.69
N ASP D 73 -9.95 -31.41 -4.04
CA ASP D 73 -9.75 -31.33 -2.60
C ASP D 73 -8.31 -30.86 -2.38
N ASP D 74 -8.13 -29.56 -2.30
CA ASP D 74 -6.78 -28.99 -2.23
C ASP D 74 -5.94 -29.57 -1.10
N PRO D 75 -6.43 -29.66 0.15
CA PRO D 75 -5.57 -30.18 1.22
C PRO D 75 -5.12 -31.62 1.01
N LYS D 76 -5.87 -32.42 0.25
CA LYS D 76 -5.48 -33.80 -0.04
C LYS D 76 -4.79 -33.95 -1.38
N ASN D 77 -4.56 -32.84 -2.10
CA ASN D 77 -3.85 -32.87 -3.37
C ASN D 77 -4.41 -33.94 -4.31
N THR D 78 -5.74 -34.00 -4.41
CA THR D 78 -6.42 -34.95 -5.28
C THR D 78 -7.47 -34.24 -6.12
N LEU D 79 -7.41 -34.46 -7.43
CA LEU D 79 -8.46 -34.00 -8.34
C LEU D 79 -9.42 -35.15 -8.62
N PHE D 80 -10.67 -34.79 -8.90
CA PHE D 80 -11.74 -35.77 -9.05
C PHE D 80 -12.54 -35.50 -10.32
N LEU D 81 -13.12 -36.56 -10.87
CA LEU D 81 -14.05 -36.47 -11.98
C LEU D 81 -15.05 -37.61 -11.83
N GLN D 82 -16.29 -37.27 -11.50
CA GLN D 82 -17.32 -38.27 -11.27
C GLN D 82 -18.27 -38.29 -12.45
N MET D 83 -18.45 -39.47 -13.02
CA MET D 83 -19.22 -39.66 -14.25
C MET D 83 -20.55 -40.29 -13.91
N THR D 84 -21.64 -39.66 -14.34
CA THR D 84 -22.98 -40.04 -13.87
C THR D 84 -23.66 -41.06 -14.77
N SER D 85 -23.47 -40.96 -16.09
CA SER D 85 -24.09 -41.90 -17.01
C SER D 85 -23.13 -42.09 -18.19
N LEU D 86 -22.31 -43.12 -18.09
CA LEU D 86 -21.30 -43.37 -19.11
C LEU D 86 -21.93 -43.90 -20.39
N ARG D 87 -21.27 -43.64 -21.51
CA ARG D 87 -21.68 -44.13 -22.80
C ARG D 87 -20.47 -44.69 -23.53
N SER D 88 -20.74 -45.48 -24.57
CA SER D 88 -19.65 -46.09 -25.34
C SER D 88 -18.71 -45.01 -25.87
N GLU D 89 -19.25 -43.82 -26.17
CA GLU D 89 -18.42 -42.74 -26.67
C GLU D 89 -17.42 -42.22 -25.64
N ASP D 90 -17.63 -42.52 -24.36
CA ASP D 90 -16.75 -42.02 -23.30
C ASP D 90 -15.55 -42.93 -23.04
N THR D 91 -15.39 -44.03 -23.77
CA THR D 91 -14.22 -44.88 -23.59
C THR D 91 -12.98 -44.12 -24.05
N ALA D 92 -12.06 -43.87 -23.11
CA ALA D 92 -10.85 -43.13 -23.46
C ALA D 92 -9.88 -43.18 -22.29
N MET D 93 -8.62 -42.87 -22.59
CA MET D 93 -7.61 -42.67 -21.56
C MET D 93 -7.68 -41.23 -21.07
N TYR D 94 -7.96 -41.05 -19.79
CA TYR D 94 -8.25 -39.74 -19.21
C TYR D 94 -7.00 -39.20 -18.56
N TYR D 95 -6.48 -38.10 -19.10
CA TYR D 95 -5.25 -37.47 -18.63
C TYR D 95 -5.60 -36.29 -17.74
N CYS D 96 -4.95 -36.22 -16.58
CA CYS D 96 -5.03 -35.05 -15.73
C CYS D 96 -3.96 -34.06 -16.17
N VAL D 97 -4.37 -32.83 -16.45
CA VAL D 97 -3.50 -31.84 -17.08
C VAL D 97 -3.38 -30.63 -16.16
N ARG D 98 -2.15 -30.21 -15.91
CA ARG D 98 -1.87 -29.06 -15.05
C ARG D 98 -1.87 -27.78 -15.88
N SER D 99 -2.43 -26.72 -15.30
CA SER D 99 -2.44 -25.42 -15.96
C SER D 99 -2.33 -24.33 -14.91
N ILE D 100 -1.57 -23.30 -15.23
CA ILE D 100 -1.43 -22.12 -14.38
C ILE D 100 -1.47 -20.89 -15.28
N TYR D 101 -2.20 -19.87 -14.85
CA TYR D 101 -2.53 -18.74 -15.71
C TYR D 101 -2.06 -17.45 -15.08
N TYR D 102 -1.07 -16.82 -15.70
CA TYR D 102 -0.67 -15.45 -15.41
C TYR D 102 0.25 -15.02 -16.53
N TYR D 103 0.57 -13.74 -16.56
CA TYR D 103 1.40 -13.22 -17.65
C TYR D 103 2.70 -14.01 -17.73
N GLY D 104 2.93 -14.65 -18.87
CA GLY D 104 4.10 -15.46 -19.08
C GLY D 104 3.99 -16.89 -18.60
N SER D 105 2.84 -17.28 -18.06
CA SER D 105 2.66 -18.66 -17.61
C SER D 105 2.63 -19.60 -18.79
N SER D 106 2.80 -20.89 -18.51
CA SER D 106 2.74 -21.94 -19.51
C SER D 106 1.62 -22.91 -19.15
N PRO D 107 0.39 -22.66 -19.59
CA PRO D 107 -0.69 -23.60 -19.33
C PRO D 107 -0.46 -24.94 -20.00
N PHE D 108 -1.10 -25.97 -19.45
CA PHE D 108 -1.03 -27.33 -19.98
C PHE D 108 0.40 -27.86 -20.02
N ASP D 109 1.18 -27.51 -19.01
CA ASP D 109 2.60 -27.85 -19.01
C ASP D 109 2.90 -29.26 -18.50
N PHE D 110 1.94 -29.90 -17.83
CA PHE D 110 2.18 -31.25 -17.30
C PHE D 110 0.95 -32.10 -17.47
N TRP D 111 1.15 -33.34 -17.90
CA TRP D 111 0.07 -34.28 -18.16
C TRP D 111 0.35 -35.56 -17.39
N GLY D 112 -0.64 -36.02 -16.62
CA GLY D 112 -0.50 -37.28 -15.93
C GLY D 112 -0.44 -38.45 -16.89
N GLN D 113 -0.11 -39.62 -16.34
CA GLN D 113 0.06 -40.81 -17.17
C GLN D 113 -1.26 -41.36 -17.69
N GLY D 114 -2.37 -41.10 -17.03
CA GLY D 114 -3.65 -41.52 -17.57
C GLY D 114 -4.35 -42.69 -16.94
N THR D 115 -5.66 -42.83 -17.16
CA THR D 115 -6.42 -43.89 -16.58
C THR D 115 -7.31 -44.36 -17.65
N THR D 116 -7.22 -45.64 -17.98
CA THR D 116 -7.98 -46.18 -19.07
C THR D 116 -9.35 -46.58 -18.61
N LEU D 117 -10.38 -45.96 -19.13
CA LEU D 117 -11.77 -46.24 -18.79
C LEU D 117 -12.44 -46.91 -19.99
N THR D 118 -12.94 -48.11 -19.79
CA THR D 118 -13.60 -48.87 -20.84
C THR D 118 -15.09 -48.97 -20.53
N VAL D 119 -15.92 -48.62 -21.50
CA VAL D 119 -17.37 -48.74 -21.38
C VAL D 119 -17.81 -49.87 -22.31
N SER D 120 -18.40 -50.91 -21.74
CA SER D 120 -18.79 -52.08 -22.51
C SER D 120 -19.76 -51.70 -23.63
N SER D 135 -21.38 -26.02 -34.85
CA SER D 135 -21.44 -25.33 -33.57
C SER D 135 -20.51 -24.12 -33.58
N SER D 136 -20.47 -23.42 -32.44
CA SER D 136 -19.59 -22.27 -32.26
C SER D 136 -18.17 -22.68 -31.85
N ASP D 137 -17.92 -23.97 -31.66
CA ASP D 137 -16.59 -24.43 -31.26
C ASP D 137 -15.58 -24.17 -32.37
N ILE D 138 -14.36 -23.79 -31.98
CA ILE D 138 -13.32 -23.44 -32.93
C ILE D 138 -12.75 -24.72 -33.53
N VAL D 139 -13.05 -24.98 -34.79
CA VAL D 139 -12.55 -26.19 -35.44
C VAL D 139 -11.08 -25.99 -35.79
N MET D 140 -10.25 -26.92 -35.34
CA MET D 140 -8.81 -26.91 -35.61
C MET D 140 -8.51 -28.02 -36.60
N THR D 141 -8.02 -27.66 -37.78
CA THR D 141 -7.72 -28.63 -38.83
C THR D 141 -6.21 -28.72 -39.01
N GLN D 142 -5.69 -29.94 -39.01
CA GLN D 142 -4.28 -30.20 -39.22
C GLN D 142 -4.08 -30.73 -40.64
N ALA D 143 -3.08 -30.18 -41.33
CA ALA D 143 -2.99 -30.37 -42.78
C ALA D 143 -3.01 -31.84 -43.17
N THR D 144 -2.30 -32.69 -42.44
CA THR D 144 -2.17 -34.08 -42.83
C THR D 144 -2.16 -34.96 -41.58
N SER D 145 -2.62 -36.19 -41.75
CA SER D 145 -2.61 -37.15 -40.65
C SER D 145 -1.21 -37.67 -40.37
N SER D 146 -0.36 -37.79 -41.39
CA SER D 146 0.95 -38.37 -41.21
C SER D 146 1.96 -37.67 -42.12
N VAL D 147 3.22 -37.72 -41.72
CA VAL D 147 4.32 -37.15 -42.49
C VAL D 147 5.56 -38.01 -42.30
N PRO D 148 6.02 -38.73 -43.33
CA PRO D 148 7.25 -39.52 -43.18
C PRO D 148 8.48 -38.62 -43.17
N VAL D 149 9.43 -38.96 -42.32
CA VAL D 149 10.63 -38.15 -42.12
C VAL D 149 11.74 -39.05 -41.61
N THR D 150 12.98 -38.62 -41.80
CA THR D 150 14.15 -39.31 -41.29
C THR D 150 15.00 -38.36 -40.46
N PRO D 151 15.80 -38.90 -39.53
CA PRO D 151 16.56 -38.02 -38.64
C PRO D 151 17.46 -37.06 -39.40
N GLY D 152 17.59 -35.85 -38.86
CA GLY D 152 18.37 -34.80 -39.46
C GLY D 152 17.61 -33.91 -40.42
N GLU D 153 16.42 -34.30 -40.86
CA GLU D 153 15.64 -33.47 -41.75
C GLU D 153 14.93 -32.36 -40.98
N SER D 154 14.82 -31.20 -41.63
CA SER D 154 13.92 -30.17 -41.16
C SER D 154 12.49 -30.56 -41.52
N VAL D 155 11.55 -30.28 -40.61
CA VAL D 155 10.19 -30.70 -40.79
C VAL D 155 9.28 -29.56 -40.49
N SER D 156 8.04 -29.64 -40.94
CA SER D 156 7.02 -28.65 -40.67
C SER D 156 5.67 -29.33 -40.49
N ILE D 157 4.97 -28.94 -39.43
CA ILE D 157 3.60 -29.34 -39.18
C ILE D 157 2.76 -28.08 -39.15
N SER D 158 1.56 -28.14 -39.71
CA SER D 158 0.75 -26.95 -39.90
C SER D 158 -0.67 -27.20 -39.41
N CYS D 159 -1.29 -26.14 -38.89
CA CYS D 159 -2.66 -26.19 -38.41
C CYS D 159 -3.40 -24.94 -38.87
N ARG D 160 -4.69 -25.10 -39.14
CA ARG D 160 -5.53 -24.01 -39.60
C ARG D 160 -6.76 -23.95 -38.71
N SER D 161 -6.94 -22.83 -38.02
CA SER D 161 -8.09 -22.63 -37.16
C SER D 161 -9.27 -22.06 -37.95
N SER D 162 -10.47 -22.30 -37.44
CA SER D 162 -11.68 -21.74 -38.02
C SER D 162 -11.94 -20.32 -37.57
N LYS D 163 -11.13 -19.80 -36.65
CA LYS D 163 -11.30 -18.45 -36.13
C LYS D 163 -9.91 -17.91 -35.82
N SER D 164 -9.74 -16.61 -36.03
CA SER D 164 -8.43 -15.99 -35.80
C SER D 164 -8.14 -15.96 -34.32
N LEU D 165 -7.08 -16.64 -33.91
CA LEU D 165 -6.72 -16.77 -32.51
C LEU D 165 -5.91 -15.59 -32.00
N LEU D 166 -5.56 -14.64 -32.86
CA LEU D 166 -4.81 -13.46 -32.46
C LEU D 166 -5.76 -12.51 -31.74
N HIS D 167 -5.65 -12.46 -30.42
CA HIS D 167 -6.55 -11.65 -29.63
C HIS D 167 -6.12 -10.18 -29.67
N SER D 168 -7.02 -9.30 -29.25
CA SER D 168 -6.68 -7.89 -29.17
C SER D 168 -5.52 -7.65 -28.21
N ASN D 169 -5.30 -8.57 -27.27
CA ASN D 169 -4.17 -8.47 -26.35
C ASN D 169 -2.83 -8.70 -27.02
N GLY D 170 -2.82 -9.14 -28.28
CA GLY D 170 -1.59 -9.47 -28.97
C GLY D 170 -1.13 -10.90 -28.84
N ASN D 171 -1.64 -11.63 -27.85
CA ASN D 171 -1.29 -13.05 -27.72
C ASN D 171 -2.03 -13.88 -28.77
N THR D 172 -1.36 -14.91 -29.27
CA THR D 172 -1.97 -15.86 -30.19
C THR D 172 -2.07 -17.20 -29.46
N TYR D 173 -3.24 -17.46 -28.89
CA TYR D 173 -3.45 -18.58 -27.97
C TYR D 173 -3.52 -19.91 -28.72
N LEU D 174 -2.38 -20.35 -29.23
CA LEU D 174 -2.28 -21.63 -29.93
C LEU D 174 -1.23 -22.43 -29.25
N TYR D 175 -1.47 -23.70 -28.99
CA TYR D 175 -0.58 -24.59 -28.26
C TYR D 175 -0.23 -25.80 -29.13
N TRP D 176 0.98 -26.32 -28.92
CA TRP D 176 1.47 -27.49 -29.63
C TRP D 176 1.87 -28.56 -28.62
N PHE D 177 1.42 -29.79 -28.84
CA PHE D 177 1.73 -30.91 -27.97
C PHE D 177 2.32 -32.05 -28.80
N LEU D 178 3.25 -32.76 -28.18
CA LEU D 178 3.83 -33.97 -28.75
C LEU D 178 3.45 -35.16 -27.87
N GLN D 179 2.90 -36.20 -28.48
CA GLN D 179 2.58 -37.44 -27.79
C GLN D 179 3.40 -38.56 -28.41
N ARG D 180 4.37 -39.06 -27.66
CA ARG D 180 5.14 -40.20 -28.10
C ARG D 180 4.39 -41.49 -27.76
N PRO D 181 4.72 -42.59 -28.43
CA PRO D 181 4.04 -43.86 -28.13
C PRO D 181 4.17 -44.23 -26.66
N GLY D 182 3.04 -44.46 -26.02
CA GLY D 182 3.05 -44.90 -24.63
C GLY D 182 3.37 -43.83 -23.63
N GLN D 183 3.32 -42.56 -24.02
CA GLN D 183 3.60 -41.44 -23.14
C GLN D 183 2.48 -40.42 -23.19
N SER D 184 2.35 -39.64 -22.12
CA SER D 184 1.39 -38.55 -22.10
C SER D 184 1.88 -37.40 -22.98
N PRO D 185 0.97 -36.57 -23.48
CA PRO D 185 1.40 -35.44 -24.32
C PRO D 185 2.35 -34.53 -23.57
N GLN D 186 3.32 -34.00 -24.32
CA GLN D 186 4.32 -33.07 -23.80
C GLN D 186 4.17 -31.73 -24.50
N LEU D 187 4.13 -30.66 -23.72
CA LEU D 187 3.93 -29.32 -24.25
C LEU D 187 5.21 -28.80 -24.89
N LEU D 188 5.15 -28.52 -26.18
CA LEU D 188 6.33 -27.98 -26.90
C LEU D 188 6.27 -26.46 -26.98
N ILE D 189 5.23 -25.92 -27.61
CA ILE D 189 5.06 -24.49 -27.79
C ILE D 189 3.70 -24.11 -27.24
N TYR D 190 3.66 -23.17 -26.29
CA TYR D 190 2.40 -22.88 -25.60
C TYR D 190 1.68 -21.69 -26.17
N ARG D 191 2.39 -20.65 -26.58
CA ARG D 191 1.85 -19.68 -27.52
C ARG D 191 2.87 -19.55 -28.63
N MET D 192 2.40 -19.43 -29.86
CA MET D 192 3.29 -19.57 -31.00
C MET D 192 4.56 -18.78 -30.78
N SER D 193 5.70 -19.45 -30.95
CA SER D 193 7.04 -18.89 -30.75
C SER D 193 7.44 -18.80 -29.28
N ASN D 194 6.71 -19.42 -28.37
CA ASN D 194 7.11 -19.52 -26.97
C ASN D 194 7.30 -21.00 -26.64
N LEU D 195 8.50 -21.35 -26.19
CA LEU D 195 8.94 -22.73 -26.09
C LEU D 195 9.10 -23.13 -24.63
N ALA D 196 8.38 -24.17 -24.20
CA ALA D 196 8.35 -24.53 -22.79
C ALA D 196 9.31 -25.65 -22.39
N SER D 197 9.10 -26.85 -22.94
CA SER D 197 9.96 -27.99 -22.64
C SER D 197 11.01 -28.13 -23.73
N GLY D 198 11.35 -27.02 -24.37
CA GLY D 198 11.93 -27.08 -25.68
C GLY D 198 13.36 -27.57 -25.71
N VAL D 199 13.76 -28.03 -26.89
CA VAL D 199 15.14 -28.06 -27.33
C VAL D 199 15.28 -26.88 -28.28
N PRO D 200 15.69 -25.70 -27.78
CA PRO D 200 15.44 -24.48 -28.56
C PRO D 200 16.09 -24.47 -29.93
N ASP D 201 17.18 -25.20 -30.11
CA ASP D 201 17.83 -25.25 -31.42
C ASP D 201 17.01 -26.02 -32.44
N ARG D 202 15.97 -26.74 -32.03
CA ARG D 202 15.21 -27.61 -32.92
C ARG D 202 13.79 -27.14 -33.13
N PHE D 203 13.01 -26.96 -32.06
CA PHE D 203 11.60 -26.64 -32.20
C PHE D 203 11.39 -25.14 -32.35
N SER D 204 10.42 -24.77 -33.17
CA SER D 204 10.04 -23.39 -33.37
C SER D 204 8.62 -23.35 -33.91
N GLY D 205 7.99 -22.19 -33.83
CA GLY D 205 6.63 -22.07 -34.31
C GLY D 205 6.28 -20.64 -34.66
N SER D 206 5.44 -20.50 -35.66
CA SER D 206 4.98 -19.18 -36.12
C SER D 206 3.65 -19.36 -36.82
N GLY D 207 2.94 -18.26 -36.99
CA GLY D 207 1.64 -18.31 -37.63
C GLY D 207 1.11 -16.93 -37.92
N SER D 208 0.11 -16.88 -38.80
CA SER D 208 -0.49 -15.63 -39.22
C SER D 208 -1.67 -15.21 -38.35
N GLY D 209 -2.02 -16.01 -37.34
CA GLY D 209 -3.21 -15.78 -36.57
C GLY D 209 -4.41 -16.59 -37.02
N THR D 210 -4.37 -17.15 -38.22
CA THR D 210 -5.34 -18.16 -38.65
C THR D 210 -4.69 -19.39 -39.25
N ALA D 211 -3.47 -19.30 -39.77
CA ALA D 211 -2.68 -20.46 -40.16
C ALA D 211 -1.42 -20.50 -39.32
N PHE D 212 -1.07 -21.69 -38.84
CA PHE D 212 0.04 -21.88 -37.91
C PHE D 212 0.91 -23.02 -38.38
N THR D 213 2.17 -23.00 -37.98
CA THR D 213 3.10 -24.05 -38.35
C THR D 213 4.14 -24.24 -37.26
N LEU D 214 4.50 -25.50 -37.03
CA LEU D 214 5.57 -25.87 -36.11
C LEU D 214 6.72 -26.46 -36.90
N THR D 215 7.92 -25.91 -36.70
CA THR D 215 9.11 -26.30 -37.44
C THR D 215 10.06 -27.05 -36.52
N ILE D 216 10.55 -28.19 -36.99
CA ILE D 216 11.62 -28.93 -36.32
C ILE D 216 12.87 -28.78 -37.17
N SER D 217 13.89 -28.14 -36.62
CA SER D 217 15.07 -27.79 -37.41
C SER D 217 15.90 -29.01 -37.76
N ARG D 218 16.07 -29.94 -36.82
CA ARG D 218 16.84 -31.16 -37.06
C ARG D 218 16.16 -32.29 -36.30
N LEU D 219 15.36 -33.07 -37.01
CA LEU D 219 14.59 -34.13 -36.37
C LEU D 219 15.52 -35.19 -35.79
N GLU D 220 15.09 -35.77 -34.67
CA GLU D 220 15.81 -36.84 -34.02
C GLU D 220 14.84 -37.95 -33.67
N ALA D 221 15.38 -39.10 -33.25
CA ALA D 221 14.53 -40.24 -32.91
C ALA D 221 13.54 -39.89 -31.81
N GLU D 222 13.90 -38.96 -30.92
CA GLU D 222 13.01 -38.56 -29.83
C GLU D 222 11.79 -37.77 -30.32
N ASP D 223 11.77 -37.33 -31.58
CA ASP D 223 10.66 -36.53 -32.08
C ASP D 223 9.51 -37.36 -32.64
N VAL D 224 9.68 -38.68 -32.74
CA VAL D 224 8.61 -39.50 -33.28
C VAL D 224 7.39 -39.41 -32.36
N GLY D 225 6.25 -39.16 -32.96
CA GLY D 225 5.01 -39.07 -32.20
C GLY D 225 4.00 -38.22 -32.94
N VAL D 226 2.84 -38.08 -32.32
CA VAL D 226 1.73 -37.33 -32.89
C VAL D 226 1.76 -35.92 -32.31
N TYR D 227 1.72 -34.92 -33.19
CA TYR D 227 1.79 -33.53 -32.79
C TYR D 227 0.39 -32.92 -32.86
N TYR D 228 -0.10 -32.47 -31.71
CA TYR D 228 -1.46 -31.95 -31.57
C TYR D 228 -1.46 -30.45 -31.40
N CYS D 229 -2.28 -29.77 -32.18
CA CYS D 229 -2.52 -28.35 -31.98
C CYS D 229 -3.71 -28.15 -31.04
N MET D 230 -3.61 -27.12 -30.20
CA MET D 230 -4.72 -26.73 -29.33
C MET D 230 -4.85 -25.21 -29.34
N GLN D 231 -6.09 -24.75 -29.26
CA GLN D 231 -6.40 -23.35 -29.09
C GLN D 231 -6.85 -23.11 -27.65
N HIS D 232 -6.58 -21.91 -27.15
CA HIS D 232 -6.97 -21.53 -25.80
C HIS D 232 -7.55 -20.13 -25.78
N LEU D 233 -8.42 -19.83 -26.74
CA LEU D 233 -9.15 -18.57 -26.78
C LEU D 233 -10.57 -18.71 -26.25
N GLU D 234 -11.23 -19.82 -26.49
CA GLU D 234 -12.58 -20.00 -26.05
C GLU D 234 -12.61 -21.23 -25.27
N TYR D 235 -13.50 -21.29 -24.31
CA TYR D 235 -13.48 -22.43 -23.45
C TYR D 235 -13.75 -23.77 -23.99
N PRO D 236 -14.65 -23.89 -24.97
CA PRO D 236 -14.66 -25.23 -25.52
C PRO D 236 -13.26 -25.35 -26.15
N LEU D 237 -12.28 -26.04 -25.56
CA LEU D 237 -10.93 -26.13 -26.06
C LEU D 237 -10.86 -27.29 -27.04
N THR D 238 -10.43 -27.01 -28.26
CA THR D 238 -10.51 -27.95 -29.36
C THR D 238 -9.09 -28.28 -29.81
N PHE D 239 -8.74 -29.56 -29.76
CA PHE D 239 -7.48 -30.04 -30.28
C PHE D 239 -7.63 -30.42 -31.74
N GLY D 240 -6.51 -30.38 -32.46
CA GLY D 240 -6.48 -30.93 -33.79
C GLY D 240 -6.48 -32.44 -33.76
N ALA D 241 -6.72 -33.04 -34.93
CA ALA D 241 -6.70 -34.49 -35.04
C ALA D 241 -5.31 -35.07 -34.86
N GLY D 242 -4.26 -34.26 -34.98
CA GLY D 242 -2.92 -34.74 -34.77
C GLY D 242 -2.24 -35.22 -36.04
N THR D 243 -0.95 -34.93 -36.16
CA THR D 243 -0.12 -35.38 -37.27
C THR D 243 0.95 -36.30 -36.73
N LYS D 244 0.97 -37.54 -37.18
CA LYS D 244 1.90 -38.54 -36.69
C LYS D 244 3.14 -38.56 -37.57
N LEU D 245 4.29 -38.21 -36.99
CA LEU D 245 5.56 -38.31 -37.69
C LEU D 245 6.09 -39.73 -37.59
N GLU D 246 6.48 -40.30 -38.73
CA GLU D 246 6.95 -41.66 -38.82
C GLU D 246 8.34 -41.69 -39.44
N LEU D 247 9.19 -42.58 -38.96
CA LEU D 247 10.53 -42.74 -39.52
C LEU D 247 10.88 -44.22 -39.67
N THR E 5 49.26 0.14 14.39
CA THR E 5 47.90 0.70 14.60
C THR E 5 47.11 0.75 13.29
N ALA E 6 45.78 0.76 13.40
CA ALA E 6 44.94 0.79 12.21
C ALA E 6 44.94 2.16 11.55
N SER E 7 45.17 3.22 12.31
CA SER E 7 45.07 4.57 11.76
C SER E 7 46.07 4.78 10.62
N ILE E 8 47.31 4.32 10.79
CA ILE E 8 48.33 4.57 9.77
C ILE E 8 48.02 3.80 8.50
N ALA E 9 47.57 2.55 8.63
CA ALA E 9 47.18 1.78 7.45
C ALA E 9 45.98 2.42 6.76
N GLN E 10 45.01 2.91 7.53
CA GLN E 10 43.87 3.58 6.95
C GLN E 10 44.29 4.82 6.17
N ALA E 11 45.21 5.61 6.75
CA ALA E 11 45.69 6.80 6.06
C ALA E 11 46.45 6.43 4.79
N ARG E 12 47.26 5.37 4.84
CA ARG E 12 47.98 4.95 3.64
C ARG E 12 47.01 4.51 2.55
N LYS E 13 45.97 3.76 2.92
CA LYS E 13 44.95 3.37 1.95
C LYS E 13 44.26 4.60 1.36
N LEU E 14 43.92 5.56 2.22
CA LEU E 14 43.26 6.78 1.74
C LEU E 14 44.14 7.50 0.73
N VAL E 15 45.42 7.68 1.04
CA VAL E 15 46.30 8.40 0.13
C VAL E 15 46.50 7.61 -1.16
N GLU E 16 46.57 6.27 -1.07
CA GLU E 16 46.70 5.47 -2.29
C GLU E 16 45.49 5.67 -3.20
N GLN E 17 44.28 5.63 -2.63
CA GLN E 17 43.09 5.81 -3.44
C GLN E 17 43.01 7.23 -3.98
N LEU E 18 43.44 8.21 -3.19
CA LEU E 18 43.47 9.58 -3.67
C LEU E 18 44.41 9.73 -4.86
N LYS E 19 45.58 9.10 -4.79
CA LYS E 19 46.49 9.13 -5.94
C LYS E 19 45.88 8.45 -7.14
N MET E 20 45.20 7.32 -6.93
CA MET E 20 44.53 6.65 -8.04
C MET E 20 43.52 7.58 -8.69
N GLU E 21 42.78 8.35 -7.90
CA GLU E 21 41.76 9.25 -8.46
C GLU E 21 42.41 10.44 -9.15
N ALA E 22 43.54 10.93 -8.64
CA ALA E 22 44.14 12.16 -9.16
C ALA E 22 44.55 12.01 -10.61
N ASN E 23 45.08 10.85 -11.00
CA ASN E 23 45.68 10.69 -12.32
C ASN E 23 44.68 10.38 -13.41
N ILE E 24 43.38 10.38 -13.12
CA ILE E 24 42.39 10.04 -14.13
C ILE E 24 42.34 11.13 -15.20
N ASP E 25 42.09 10.72 -16.45
CA ASP E 25 42.15 11.61 -17.61
C ASP E 25 40.81 12.33 -17.76
N ARG E 26 40.70 13.49 -17.10
CA ARG E 26 39.50 14.30 -17.16
C ARG E 26 39.38 15.01 -18.50
N ILE E 27 38.15 15.37 -18.85
CA ILE E 27 37.87 16.17 -20.04
C ILE E 27 37.17 17.44 -19.61
N LYS E 28 37.18 18.42 -20.51
CA LYS E 28 36.52 19.69 -20.23
C LYS E 28 35.03 19.50 -20.05
N VAL E 29 34.44 20.24 -19.11
CA VAL E 29 33.00 20.15 -18.89
C VAL E 29 32.25 20.55 -20.15
N SER E 30 32.86 21.38 -21.00
CA SER E 30 32.20 21.79 -22.24
C SER E 30 31.86 20.59 -23.10
N LYS E 31 32.84 19.73 -23.36
CA LYS E 31 32.60 18.57 -24.20
C LYS E 31 31.67 17.57 -23.52
N ALA E 32 31.80 17.40 -22.21
CA ALA E 32 30.89 16.51 -21.49
C ALA E 32 29.43 16.97 -21.66
N ALA E 33 29.18 18.26 -21.42
CA ALA E 33 27.83 18.77 -21.60
C ALA E 33 27.38 18.64 -23.04
N ALA E 34 28.28 18.89 -24.00
CA ALA E 34 27.92 18.74 -25.40
C ALA E 34 27.51 17.31 -25.70
N ASP E 35 28.23 16.33 -25.16
CA ASP E 35 27.88 14.93 -25.39
C ASP E 35 26.53 14.59 -24.77
N LEU E 36 26.28 15.06 -23.54
CA LEU E 36 24.98 14.78 -22.93
C LEU E 36 23.85 15.41 -23.74
N MET E 37 24.06 16.65 -24.21
CA MET E 37 23.04 17.31 -25.00
C MET E 37 22.82 16.60 -26.34
N ALA E 38 23.90 16.13 -26.96
CA ALA E 38 23.78 15.40 -28.21
C ALA E 38 23.00 14.11 -28.01
N TYR E 39 23.28 13.38 -26.93
CA TYR E 39 22.50 12.18 -26.65
C TYR E 39 21.05 12.51 -26.38
N CYS E 40 20.79 13.57 -25.62
CA CYS E 40 19.42 13.96 -25.32
C CYS E 40 18.66 14.29 -26.60
N GLU E 41 19.28 15.05 -27.51
CA GLU E 41 18.58 15.46 -28.73
C GLU E 41 18.44 14.30 -29.72
N ALA E 42 19.44 13.42 -29.78
CA ALA E 42 19.39 12.31 -30.73
C ALA E 42 18.22 11.38 -30.42
N HIS E 43 18.01 11.07 -29.14
CA HIS E 43 16.98 10.15 -28.70
C HIS E 43 15.69 10.84 -28.29
N ALA E 44 15.57 12.15 -28.49
CA ALA E 44 14.34 12.83 -28.13
C ALA E 44 13.13 12.25 -28.86
N LYS E 45 13.33 11.79 -30.09
CA LYS E 45 12.22 11.27 -30.88
C LYS E 45 11.59 10.03 -30.25
N GLU E 46 12.32 9.31 -29.40
CA GLU E 46 11.88 8.02 -28.90
C GLU E 46 11.70 8.02 -27.40
N ASP E 47 11.26 9.14 -26.84
CA ASP E 47 11.03 9.27 -25.39
C ASP E 47 9.56 9.52 -25.15
N PRO E 48 8.79 8.49 -24.78
CA PRO E 48 7.34 8.71 -24.60
C PRO E 48 7.00 9.72 -23.52
N LEU E 49 7.92 10.04 -22.63
CA LEU E 49 7.64 11.05 -21.61
C LEU E 49 7.93 12.46 -22.10
N LEU E 50 8.97 12.63 -22.91
CA LEU E 50 9.27 13.94 -23.46
C LEU E 50 8.28 14.32 -24.55
N THR E 51 7.98 13.38 -25.45
CA THR E 51 7.09 13.62 -26.60
C THR E 51 6.02 12.54 -26.59
N PRO E 52 4.88 12.80 -25.94
CA PRO E 52 3.89 11.72 -25.74
C PRO E 52 3.49 11.07 -27.04
N VAL E 53 3.41 9.75 -27.02
CA VAL E 53 2.96 8.94 -28.15
C VAL E 53 1.44 9.01 -28.22
N PRO E 54 0.82 8.81 -29.38
CA PRO E 54 -0.63 8.85 -29.45
C PRO E 54 -1.27 7.79 -28.58
N ALA E 55 -2.55 7.99 -28.27
CA ALA E 55 -3.25 7.07 -27.39
C ALA E 55 -3.26 5.64 -27.91
N SER E 56 -3.08 5.44 -29.21
CA SER E 56 -3.08 4.08 -29.76
C SER E 56 -1.79 3.35 -29.48
N GLU E 57 -0.64 4.05 -29.53
CA GLU E 57 0.63 3.42 -29.23
C GLU E 57 0.86 3.31 -27.73
N ASN E 58 0.22 4.17 -26.95
CA ASN E 58 0.35 4.14 -25.49
C ASN E 58 -0.22 2.83 -24.96
N PRO E 59 0.62 1.94 -24.43
CA PRO E 59 0.10 0.65 -23.93
C PRO E 59 -0.90 0.78 -22.81
N PHE E 60 -0.75 1.80 -21.96
CA PHE E 60 -1.61 1.94 -20.80
C PHE E 60 -2.96 2.59 -21.14
N ARG E 61 -3.17 3.00 -22.38
CA ARG E 61 -4.47 3.48 -22.82
C ARG E 61 -4.69 3.16 -24.29
N LEU F 215 -43.89 41.06 12.76
CA LEU F 215 -44.13 39.68 12.25
C LEU F 215 -42.88 39.06 11.63
N PHE F 216 -42.42 39.65 10.52
CA PHE F 216 -41.48 38.96 9.64
C PHE F 216 -40.03 39.34 9.93
N MET F 217 -39.71 40.63 9.89
CA MET F 217 -38.31 41.03 9.76
C MET F 217 -37.42 40.48 10.87
N PRO F 218 -37.82 40.46 12.14
CA PRO F 218 -36.94 39.84 13.16
C PRO F 218 -36.68 38.37 12.90
N ILE F 219 -37.71 37.63 12.48
CA ILE F 219 -37.54 36.21 12.19
C ILE F 219 -36.57 36.03 11.03
N CYS F 220 -36.74 36.84 9.98
CA CYS F 220 -35.85 36.76 8.84
C CYS F 220 -34.42 37.07 9.24
N ALA F 221 -34.23 38.08 10.09
CA ALA F 221 -32.88 38.43 10.51
C ALA F 221 -32.22 37.29 11.28
N THR F 222 -32.93 36.74 12.26
CA THR F 222 -32.36 35.65 13.03
C THR F 222 -32.05 34.45 12.14
N TYR F 223 -32.99 34.10 11.26
CA TYR F 223 -32.79 32.96 10.37
C TYR F 223 -31.59 33.16 9.48
N LEU F 224 -31.43 34.35 8.90
CA LEU F 224 -30.32 34.54 7.98
C LEU F 224 -28.99 34.58 8.71
N LEU F 225 -28.97 35.09 9.96
CA LEU F 225 -27.75 35.00 10.75
C LEU F 225 -27.38 33.54 11.01
N ILE F 226 -28.37 32.73 11.40
CA ILE F 226 -28.13 31.31 11.61
C ILE F 226 -27.66 30.66 10.32
N PHE F 227 -28.25 31.06 9.20
CA PHE F 227 -27.89 30.47 7.91
C PHE F 227 -26.45 30.76 7.56
N VAL F 228 -26.04 32.02 7.66
CA VAL F 228 -24.67 32.36 7.32
C VAL F 228 -23.69 31.64 8.24
N VAL F 229 -23.98 31.62 9.55
CA VAL F 229 -23.06 30.98 10.49
C VAL F 229 -22.94 29.49 10.20
N GLY F 230 -24.07 28.81 10.07
CA GLY F 230 -24.05 27.37 9.84
C GLY F 230 -23.45 27.00 8.50
N ALA F 231 -23.74 27.80 7.46
CA ALA F 231 -23.15 27.54 6.17
C ALA F 231 -21.63 27.70 6.22
N VAL F 232 -21.14 28.74 6.89
CA VAL F 232 -19.70 28.89 7.03
C VAL F 232 -19.11 27.68 7.74
N GLY F 233 -19.73 27.26 8.84
CA GLY F 233 -19.18 26.15 9.60
C GLY F 233 -19.15 24.85 8.80
N ASN F 234 -20.28 24.52 8.16
CA ASN F 234 -20.37 23.26 7.43
C ASN F 234 -19.48 23.26 6.19
N GLY F 235 -19.45 24.37 5.46
CA GLY F 235 -18.53 24.48 4.35
C GLY F 235 -17.10 24.33 4.80
N LEU F 236 -16.73 24.98 5.90
CA LEU F 236 -15.35 24.89 6.38
C LEU F 236 -15.00 23.46 6.75
N THR F 237 -15.89 22.75 7.44
CA THR F 237 -15.54 21.38 7.82
C THR F 237 -15.41 20.49 6.59
N CYS F 238 -16.32 20.60 5.63
CA CYS F 238 -16.20 19.79 4.42
C CYS F 238 -14.92 20.14 3.66
N LEU F 239 -14.63 21.43 3.54
CA LEU F 239 -13.46 21.86 2.78
C LEU F 239 -12.18 21.38 3.45
N VAL F 240 -12.12 21.42 4.78
CA VAL F 240 -10.96 20.92 5.49
C VAL F 240 -10.84 19.41 5.30
N ILE F 241 -11.97 18.70 5.33
CA ILE F 241 -11.92 17.25 5.17
C ILE F 241 -11.39 16.89 3.79
N LEU F 242 -11.77 17.66 2.77
CA LEU F 242 -11.36 17.33 1.40
C LEU F 242 -9.95 17.82 1.07
N ARG F 243 -9.62 19.05 1.45
CA ARG F 243 -8.43 19.70 0.93
C ARG F 243 -7.15 19.09 1.50
N HIS F 244 -7.11 18.81 2.80
CA HIS F 244 -5.88 18.44 3.48
C HIS F 244 -5.76 16.92 3.53
N LYS F 245 -4.58 16.42 3.17
CA LYS F 245 -4.38 14.98 3.04
C LYS F 245 -4.64 14.26 4.36
N ALA F 246 -4.28 14.87 5.49
CA ALA F 246 -4.39 14.24 6.79
C ALA F 246 -5.82 14.25 7.33
N MET F 247 -6.79 14.78 6.60
CA MET F 247 -8.15 14.97 7.09
C MET F 247 -9.17 14.09 6.38
N ARG F 248 -8.72 13.10 5.59
CA ARG F 248 -9.62 12.18 4.91
C ARG F 248 -9.58 10.79 5.54
N THR F 249 -9.18 10.70 6.81
CA THR F 249 -9.23 9.44 7.52
C THR F 249 -10.69 9.00 7.64
N PRO F 250 -10.95 7.68 7.70
CA PRO F 250 -12.35 7.23 7.73
C PRO F 250 -13.13 7.80 8.91
N THR F 251 -12.49 8.09 10.03
CA THR F 251 -13.20 8.75 11.12
C THR F 251 -13.77 10.09 10.68
N ASN F 252 -13.15 10.73 9.69
CA ASN F 252 -13.63 12.04 9.23
C ASN F 252 -14.86 11.93 8.36
N TYR F 253 -15.15 10.77 7.78
CA TYR F 253 -16.31 10.64 6.91
C TYR F 253 -17.61 10.76 7.67
N TYR F 254 -17.64 10.33 8.93
CA TYR F 254 -18.82 10.60 9.75
C TYR F 254 -19.03 12.11 9.90
N LEU F 255 -17.94 12.85 10.11
CA LEU F 255 -18.05 14.30 10.21
C LEU F 255 -18.52 14.91 8.90
N PHE F 256 -18.01 14.42 7.77
CA PHE F 256 -18.46 14.94 6.49
C PHE F 256 -19.94 14.67 6.28
N SER F 257 -20.39 13.46 6.62
CA SER F 257 -21.80 13.15 6.48
C SER F 257 -22.65 14.04 7.36
N LEU F 258 -22.22 14.27 8.60
CA LEU F 258 -22.96 15.16 9.49
C LEU F 258 -23.00 16.58 8.94
N ALA F 259 -21.87 17.07 8.44
CA ALA F 259 -21.83 18.41 7.87
C ALA F 259 -22.77 18.52 6.68
N VAL F 260 -22.78 17.51 5.81
CA VAL F 260 -23.69 17.51 4.67
C VAL F 260 -25.14 17.51 5.14
N SER F 261 -25.45 16.67 6.13
CA SER F 261 -26.83 16.59 6.60
C SER F 261 -27.30 17.92 7.18
N ASP F 262 -26.47 18.55 8.00
CA ASP F 262 -26.86 19.82 8.59
C ASP F 262 -26.91 20.92 7.54
N LEU F 263 -26.00 20.89 6.57
CA LEU F 263 -26.01 21.88 5.50
C LEU F 263 -27.27 21.76 4.67
N LEU F 264 -27.70 20.53 4.36
CA LEU F 264 -28.93 20.36 3.61
C LEU F 264 -30.14 20.71 4.45
N VAL F 265 -30.08 20.49 5.77
CA VAL F 265 -31.18 20.93 6.62
C VAL F 265 -31.32 22.44 6.54
N LEU F 266 -30.20 23.15 6.57
CA LEU F 266 -30.24 24.61 6.43
C LEU F 266 -30.75 25.01 5.05
N LEU F 267 -30.16 24.46 3.99
CA LEU F 267 -30.47 24.90 2.64
C LEU F 267 -31.90 24.55 2.23
N VAL F 268 -32.39 23.38 2.63
CA VAL F 268 -33.71 22.95 2.20
C VAL F 268 -34.80 23.59 3.04
N GLY F 269 -34.56 23.75 4.34
CA GLY F 269 -35.55 24.32 5.23
C GLY F 269 -35.48 25.83 5.31
N LEU F 270 -34.30 26.36 5.62
CA LEU F 270 -34.21 27.76 6.03
C LEU F 270 -34.65 28.71 4.92
N PRO F 271 -34.19 28.58 3.67
CA PRO F 271 -34.65 29.51 2.63
C PRO F 271 -36.14 29.40 2.35
N LEU F 272 -36.64 28.19 2.14
CA LEU F 272 -38.05 28.03 1.80
C LEU F 272 -38.94 28.39 2.97
N GLU F 273 -38.47 28.18 4.20
CA GLU F 273 -39.26 28.60 5.35
C GLU F 273 -39.49 30.10 5.33
N LEU F 274 -38.44 30.89 5.09
CA LEU F 274 -38.59 32.33 5.06
C LEU F 274 -39.58 32.74 3.98
N TYR F 275 -39.49 32.12 2.80
CA TYR F 275 -40.48 32.35 1.77
C TYR F 275 -41.89 32.17 2.31
N GLU F 276 -42.11 31.07 3.04
CA GLU F 276 -43.41 30.85 3.66
C GLU F 276 -43.69 31.86 4.77
N MET F 277 -42.65 32.41 5.39
CA MET F 277 -42.86 33.47 6.36
C MET F 277 -43.44 34.71 5.70
N TRP F 278 -43.36 34.81 4.37
CA TRP F 278 -43.92 35.95 3.65
C TRP F 278 -44.96 35.58 2.60
N HIS F 279 -44.89 34.37 2.01
CA HIS F 279 -45.88 33.89 1.06
C HIS F 279 -46.33 32.48 1.45
N ASN F 280 -47.35 32.38 2.31
CA ASN F 280 -47.98 31.09 2.53
C ASN F 280 -48.71 30.65 1.27
N TYR F 281 -49.78 31.33 0.93
CA TYR F 281 -50.47 31.09 -0.30
C TYR F 281 -49.51 31.68 -1.35
N PRO F 282 -49.17 30.99 -2.47
CA PRO F 282 -49.18 29.61 -2.95
C PRO F 282 -47.88 28.85 -2.81
N PHE F 283 -47.92 27.53 -2.70
CA PHE F 283 -46.68 26.78 -2.68
C PHE F 283 -46.01 27.05 -4.01
N LEU F 284 -44.73 27.41 -3.99
CA LEU F 284 -44.01 27.75 -5.21
C LEU F 284 -43.61 26.52 -6.01
N LEU F 285 -43.16 25.47 -5.33
CA LEU F 285 -42.43 24.40 -6.00
C LEU F 285 -43.32 23.36 -6.67
N GLY F 286 -44.64 23.45 -6.56
CA GLY F 286 -45.51 22.52 -7.24
C GLY F 286 -45.61 21.17 -6.56
N VAL F 287 -46.51 20.31 -7.05
CA VAL F 287 -46.82 19.09 -6.31
C VAL F 287 -45.62 18.16 -6.27
N GLY F 288 -44.95 17.97 -7.41
CA GLY F 288 -43.75 17.18 -7.40
C GLY F 288 -42.69 17.80 -6.50
N GLY F 289 -42.56 19.12 -6.55
CA GLY F 289 -41.70 19.81 -5.62
C GLY F 289 -42.16 19.69 -4.19
N CYS F 290 -43.47 19.63 -3.97
CA CYS F 290 -44.01 19.42 -2.63
C CYS F 290 -43.49 18.10 -2.06
N TYR F 291 -43.70 17.01 -2.79
CA TYR F 291 -43.23 15.71 -2.33
C TYR F 291 -41.71 15.67 -2.19
N PHE F 292 -41.00 16.25 -3.15
CA PHE F 292 -39.54 16.22 -3.12
C PHE F 292 -39.01 16.97 -1.90
N ARG F 293 -39.57 18.15 -1.62
CA ARG F 293 -39.09 18.92 -0.48
C ARG F 293 -39.40 18.22 0.83
N THR F 294 -40.64 17.71 0.99
CA THR F 294 -40.92 17.01 2.23
C THR F 294 -39.98 15.82 2.41
N LEU F 295 -39.78 15.04 1.35
CA LEU F 295 -38.95 13.85 1.46
C LEU F 295 -37.50 14.23 1.79
N LEU F 296 -36.94 15.18 1.06
CA LEU F 296 -35.55 15.55 1.26
C LEU F 296 -35.34 16.15 2.65
N PHE F 297 -36.24 17.04 3.07
CA PHE F 297 -36.09 17.66 4.39
C PHE F 297 -36.18 16.64 5.51
N GLU F 298 -37.20 15.77 5.47
CA GLU F 298 -37.33 14.76 6.50
C GLU F 298 -36.15 13.80 6.48
N MET F 299 -35.68 13.43 5.29
CA MET F 299 -34.53 12.54 5.17
C MET F 299 -33.29 13.18 5.79
N VAL F 300 -33.04 14.45 5.50
CA VAL F 300 -31.84 15.08 6.05
C VAL F 300 -31.94 15.25 7.56
N CYS F 301 -33.12 15.54 8.09
CA CYS F 301 -33.25 15.62 9.55
C CYS F 301 -32.96 14.27 10.21
N LEU F 302 -33.62 13.21 9.73
CA LEU F 302 -33.35 11.89 10.29
C LEU F 302 -31.90 11.48 10.08
N ALA F 303 -31.31 11.89 8.96
CA ALA F 303 -29.91 11.56 8.69
C ALA F 303 -28.98 12.26 9.67
N SER F 304 -29.27 13.51 10.00
CA SER F 304 -28.47 14.19 11.01
C SER F 304 -28.58 13.49 12.36
N VAL F 305 -29.80 13.09 12.74
CA VAL F 305 -29.98 12.39 14.00
C VAL F 305 -29.16 11.10 14.01
N LEU F 306 -29.27 10.32 12.93
CA LEU F 306 -28.57 9.04 12.91
C LEU F 306 -27.07 9.20 12.75
N ASN F 307 -26.61 10.28 12.11
CA ASN F 307 -25.18 10.57 12.10
C ASN F 307 -24.67 10.80 13.51
N VAL F 308 -25.39 11.61 14.29
CA VAL F 308 -24.97 11.85 15.67
C VAL F 308 -24.98 10.55 16.46
N THR F 309 -26.02 9.73 16.30
CA THR F 309 -26.08 8.48 17.05
C THR F 309 -24.98 7.51 16.64
N ALA F 310 -24.70 7.39 15.34
CA ALA F 310 -23.63 6.53 14.88
C ALA F 310 -22.28 7.03 15.39
N LEU F 311 -22.07 8.34 15.42
CA LEU F 311 -20.84 8.88 16.00
C LEU F 311 -20.74 8.53 17.48
N SER F 312 -21.84 8.62 18.20
CA SER F 312 -21.81 8.27 19.62
C SER F 312 -21.46 6.81 19.81
N VAL F 313 -22.00 5.94 18.95
CA VAL F 313 -21.67 4.52 19.04
C VAL F 313 -20.22 4.27 18.67
N GLU F 314 -19.73 4.96 17.63
CA GLU F 314 -18.34 4.77 17.21
C GLU F 314 -17.38 5.33 18.25
N ARG F 315 -17.72 6.46 18.86
CA ARG F 315 -16.89 6.99 19.93
C ARG F 315 -16.94 6.14 21.18
N TYR F 316 -17.88 5.21 21.29
CA TYR F 316 -17.88 4.28 22.41
C TYR F 316 -16.67 3.35 22.36
N VAL F 317 -15.94 3.31 21.24
CA VAL F 317 -14.69 2.58 21.17
C VAL F 317 -13.67 3.07 22.21
N ALA F 318 -13.77 4.31 22.65
CA ALA F 318 -12.95 4.74 23.79
C ALA F 318 -13.14 3.83 25.00
N VAL F 319 -14.19 3.01 25.00
CA VAL F 319 -14.41 2.03 26.04
C VAL F 319 -13.85 0.67 25.66
N VAL F 320 -13.92 0.32 24.38
CA VAL F 320 -13.25 -0.87 23.86
C VAL F 320 -12.16 -0.37 22.91
N HIS F 321 -10.96 -0.19 23.44
CA HIS F 321 -9.99 0.71 22.82
C HIS F 321 -9.47 0.24 21.46
N PRO F 322 -9.10 -1.04 21.25
CA PRO F 322 -8.37 -1.39 20.04
C PRO F 322 -9.24 -1.77 18.86
N LEU F 323 -10.54 -2.01 19.11
CA LEU F 323 -11.42 -2.38 18.01
C LEU F 323 -11.69 -1.21 17.09
N GLN F 324 -11.50 0.03 17.55
CA GLN F 324 -11.53 1.16 16.61
C GLN F 324 -10.49 0.97 15.52
N ALA F 325 -9.24 0.76 15.93
CA ALA F 325 -8.18 0.54 14.95
C ALA F 325 -8.43 -0.73 14.14
N ARG F 326 -8.93 -1.78 14.80
CA ARG F 326 -9.09 -3.06 14.11
C ARG F 326 -10.24 -3.05 13.12
N SER F 327 -11.23 -2.18 13.30
CA SER F 327 -12.45 -2.22 12.50
C SER F 327 -12.74 -0.95 11.73
N MET F 328 -12.52 0.23 12.32
CA MET F 328 -12.88 1.47 11.64
C MET F 328 -11.90 1.80 10.53
N VAL F 329 -10.61 1.53 10.73
CA VAL F 329 -9.59 2.05 9.83
C VAL F 329 -9.89 1.69 8.38
N THR F 330 -10.61 0.61 8.14
CA THR F 330 -11.03 0.26 6.80
C THR F 330 -12.21 1.11 6.40
N ARG F 331 -12.13 1.73 5.22
CA ARG F 331 -13.23 2.54 4.73
C ARG F 331 -14.48 1.71 4.48
N ALA F 332 -14.35 0.39 4.41
CA ALA F 332 -15.54 -0.44 4.21
C ALA F 332 -16.51 -0.26 5.36
N HIS F 333 -16.02 -0.21 6.59
CA HIS F 333 -16.90 -0.06 7.74
C HIS F 333 -17.57 1.31 7.75
N VAL F 334 -16.81 2.37 7.45
CA VAL F 334 -17.42 3.71 7.44
C VAL F 334 -18.48 3.79 6.36
N ARG F 335 -18.21 3.21 5.18
CA ARG F 335 -19.22 3.22 4.12
C ARG F 335 -20.44 2.42 4.52
N ARG F 336 -20.25 1.26 5.14
CA ARG F 336 -21.38 0.47 5.59
C ARG F 336 -22.25 1.25 6.57
N VAL F 337 -21.64 1.85 7.58
CA VAL F 337 -22.43 2.54 8.60
C VAL F 337 -23.07 3.81 8.04
N LEU F 338 -22.38 4.54 7.16
CA LEU F 338 -23.00 5.73 6.57
C LEU F 338 -24.16 5.34 5.66
N GLY F 339 -24.01 4.24 4.93
CA GLY F 339 -25.14 3.75 4.15
C GLY F 339 -26.30 3.36 5.03
N ALA F 340 -26.02 2.73 6.17
CA ALA F 340 -27.11 2.42 7.10
C ALA F 340 -27.79 3.70 7.56
N VAL F 341 -27.01 4.69 7.95
CA VAL F 341 -27.56 5.97 8.41
C VAL F 341 -28.50 6.55 7.36
N TRP F 342 -27.99 6.76 6.14
CA TRP F 342 -28.76 7.47 5.15
C TRP F 342 -29.90 6.63 4.58
N GLY F 343 -29.70 5.32 4.43
CA GLY F 343 -30.79 4.47 3.99
C GLY F 343 -31.93 4.46 4.98
N LEU F 344 -31.62 4.32 6.27
CA LEU F 344 -32.65 4.42 7.29
C LEU F 344 -33.31 5.78 7.25
N ALA F 345 -32.53 6.84 7.05
CA ALA F 345 -33.11 8.18 7.00
C ALA F 345 -34.14 8.27 5.88
N MET F 346 -33.79 7.81 4.68
CA MET F 346 -34.72 7.86 3.56
C MET F 346 -35.93 6.97 3.81
N LEU F 347 -35.68 5.74 4.24
CA LEU F 347 -36.77 4.78 4.39
C LEU F 347 -37.78 5.24 5.44
N CYS F 348 -37.31 5.76 6.57
CA CYS F 348 -38.21 6.24 7.60
C CYS F 348 -38.70 7.66 7.33
N SER F 349 -38.09 8.37 6.38
CA SER F 349 -38.66 9.64 5.92
C SER F 349 -39.87 9.39 5.05
N LEU F 350 -39.80 8.37 4.18
CA LEU F 350 -40.89 8.08 3.25
C LEU F 350 -42.27 8.01 3.91
N PRO F 351 -42.48 7.29 5.01
CA PRO F 351 -43.85 7.16 5.55
C PRO F 351 -44.49 8.46 5.96
N ASN F 352 -43.72 9.42 6.47
CA ASN F 352 -44.31 10.69 6.87
C ASN F 352 -44.59 11.57 5.66
N THR F 353 -43.71 11.53 4.66
CA THR F 353 -43.82 12.40 3.51
C THR F 353 -44.98 12.00 2.60
N SER F 354 -45.39 10.73 2.63
CA SER F 354 -46.47 10.27 1.78
C SER F 354 -47.79 10.95 2.10
N LEU F 355 -47.89 11.59 3.27
CA LEU F 355 -49.14 12.17 3.72
C LEU F 355 -49.37 13.60 3.23
N HIS F 356 -48.38 14.22 2.59
CA HIS F 356 -48.44 15.64 2.25
C HIS F 356 -48.65 15.81 0.75
N GLY F 357 -49.65 16.61 0.38
CA GLY F 357 -49.94 16.88 -1.02
C GLY F 357 -50.74 18.16 -1.21
N ILE F 358 -50.32 18.99 -2.17
CA ILE F 358 -50.89 20.32 -2.37
C ILE F 358 -52.42 20.24 -2.37
N ARG F 359 -53.05 21.18 -1.68
CA ARG F 359 -54.48 21.15 -1.44
C ARG F 359 -55.10 22.54 -1.62
N GLN F 360 -56.29 22.57 -2.22
CA GLN F 360 -57.14 23.76 -2.21
C GLN F 360 -58.53 23.32 -2.69
N LEU F 361 -59.56 23.72 -1.93
CA LEU F 361 -60.89 23.15 -2.13
C LEU F 361 -62.03 24.15 -2.07
N HIS F 362 -61.77 25.44 -1.90
CA HIS F 362 -62.85 26.39 -1.67
C HIS F 362 -63.86 26.40 -2.81
N VAL F 363 -65.13 26.48 -2.45
CA VAL F 363 -66.24 26.70 -3.37
C VAL F 363 -66.64 28.16 -3.25
N PRO F 364 -66.76 28.91 -4.36
CA PRO F 364 -66.95 30.38 -4.23
C PRO F 364 -68.37 30.79 -3.85
N CYS F 365 -68.72 30.63 -2.57
CA CYS F 365 -69.95 31.22 -2.06
C CYS F 365 -69.78 32.73 -1.84
N ARG F 366 -68.89 33.10 -0.93
CA ARG F 366 -68.39 34.46 -0.84
C ARG F 366 -66.88 34.39 -0.59
N GLY F 367 -66.22 33.51 -1.33
CA GLY F 367 -64.86 33.11 -1.04
C GLY F 367 -63.87 34.26 -1.01
N PRO F 368 -62.73 34.04 -0.35
CA PRO F 368 -61.76 35.12 -0.19
C PRO F 368 -60.91 35.34 -1.43
N VAL F 369 -60.08 36.38 -1.36
CA VAL F 369 -59.26 36.76 -2.51
C VAL F 369 -58.27 35.68 -2.93
N PRO F 370 -57.56 35.01 -2.02
CA PRO F 370 -56.25 34.43 -2.41
C PRO F 370 -56.26 33.55 -3.65
N ASP F 371 -57.14 32.56 -3.73
CA ASP F 371 -57.16 31.62 -4.87
C ASP F 371 -55.77 31.03 -5.12
N SER F 372 -55.34 30.21 -4.16
CA SER F 372 -54.05 29.55 -4.23
C SER F 372 -54.10 28.31 -3.35
N ALA F 373 -53.01 27.54 -3.37
CA ALA F 373 -52.94 26.26 -2.67
C ALA F 373 -51.66 26.17 -1.87
N VAL F 374 -51.66 25.27 -0.88
CA VAL F 374 -50.56 25.11 0.07
C VAL F 374 -50.30 23.64 0.32
N CYS F 375 -49.06 23.32 0.69
CA CYS F 375 -48.68 21.96 1.04
C CYS F 375 -49.06 21.66 2.49
N MET F 376 -49.77 20.55 2.70
CA MET F 376 -50.25 20.22 4.04
C MET F 376 -50.72 18.77 4.05
N LEU F 377 -51.19 18.30 5.21
CA LEU F 377 -51.66 16.93 5.40
C LEU F 377 -52.88 16.51 4.67
N VAL F 378 -52.72 15.76 3.59
CA VAL F 378 -53.82 15.23 2.88
C VAL F 378 -54.59 14.14 3.66
N ARG F 379 -53.93 13.20 4.35
CA ARG F 379 -54.59 12.10 5.10
C ARG F 379 -55.15 12.57 6.43
N PRO F 380 -55.66 11.65 7.31
CA PRO F 380 -56.28 12.23 8.51
C PRO F 380 -55.26 12.61 9.55
N ARG F 381 -55.60 13.64 10.33
CA ARG F 381 -54.68 14.17 11.33
C ARG F 381 -54.25 13.09 12.33
N ALA F 382 -55.10 12.10 12.58
CA ALA F 382 -54.73 11.05 13.53
C ALA F 382 -53.58 10.20 13.01
N LEU F 383 -53.59 9.88 11.72
CA LEU F 383 -52.48 9.13 11.15
C LEU F 383 -51.19 9.96 11.18
N TYR F 384 -51.31 11.26 10.89
CA TYR F 384 -50.15 12.14 11.02
C TYR F 384 -49.64 12.15 12.46
N ASN F 385 -50.54 12.16 13.43
CA ASN F 385 -50.11 12.11 14.83
C ASN F 385 -49.40 10.81 15.14
N MET F 386 -49.91 9.69 14.63
CA MET F 386 -49.21 8.42 14.83
C MET F 386 -47.80 8.49 14.26
N VAL F 387 -47.67 8.99 13.04
CA VAL F 387 -46.35 9.06 12.42
C VAL F 387 -45.44 10.01 13.19
N VAL F 388 -45.96 11.18 13.57
CA VAL F 388 -45.14 12.17 14.26
C VAL F 388 -44.66 11.63 15.60
N GLN F 389 -45.55 11.01 16.37
CA GLN F 389 -45.14 10.51 17.67
C GLN F 389 -44.19 9.32 17.54
N THR F 390 -44.43 8.44 16.56
CA THR F 390 -43.50 7.32 16.38
C THR F 390 -42.13 7.79 15.95
N THR F 391 -42.06 8.77 15.03
CA THR F 391 -40.76 9.31 14.65
C THR F 391 -40.13 10.06 15.81
N ALA F 392 -40.93 10.78 16.60
CA ALA F 392 -40.37 11.48 17.75
C ALA F 392 -39.76 10.50 18.73
N LEU F 393 -40.43 9.39 18.99
CA LEU F 393 -39.88 8.40 19.91
C LEU F 393 -38.60 7.83 19.32
N LEU F 394 -38.70 7.20 18.14
CA LEU F 394 -37.58 6.43 17.60
C LEU F 394 -36.41 7.28 17.17
N PHE F 395 -36.59 8.60 16.97
CA PHE F 395 -35.50 9.43 16.48
C PHE F 395 -35.21 10.62 17.38
N PHE F 396 -35.83 10.71 18.55
CA PHE F 396 -35.33 11.64 19.56
C PHE F 396 -35.13 10.92 20.89
N CYS F 397 -36.15 10.18 21.34
CA CYS F 397 -36.06 9.55 22.65
C CYS F 397 -35.06 8.40 22.64
N LEU F 398 -35.13 7.54 21.62
CA LEU F 398 -34.17 6.44 21.54
C LEU F 398 -32.76 6.95 21.29
N PRO F 399 -32.51 7.82 20.30
CA PRO F 399 -31.17 8.39 20.16
C PRO F 399 -30.71 9.11 21.41
N MET F 400 -31.59 9.82 22.10
CA MET F 400 -31.20 10.50 23.33
C MET F 400 -30.74 9.50 24.39
N ALA F 401 -31.49 8.42 24.55
CA ALA F 401 -31.09 7.41 25.54
C ALA F 401 -29.77 6.77 25.17
N ILE F 402 -29.60 6.41 23.89
CA ILE F 402 -28.34 5.82 23.46
C ILE F 402 -27.18 6.76 23.75
N MET F 403 -27.32 8.04 23.36
CA MET F 403 -26.25 8.99 23.57
C MET F 403 -25.95 9.17 25.06
N SER F 404 -26.98 9.33 25.87
CA SER F 404 -26.76 9.56 27.29
C SER F 404 -26.04 8.38 27.92
N VAL F 405 -26.49 7.16 27.63
CA VAL F 405 -25.87 5.98 28.22
C VAL F 405 -24.42 5.85 27.75
N LEU F 406 -24.19 5.94 26.44
CA LEU F 406 -22.85 5.71 25.92
C LEU F 406 -21.89 6.79 26.35
N TYR F 407 -22.34 8.04 26.46
CA TYR F 407 -21.46 9.09 26.94
C TYR F 407 -21.24 9.02 28.44
N LEU F 408 -22.20 8.54 29.22
CA LEU F 408 -21.93 8.25 30.61
C LEU F 408 -20.83 7.20 30.72
N LEU F 409 -20.92 6.15 29.92
CA LEU F 409 -19.90 5.11 29.96
C LEU F 409 -18.54 5.64 29.50
N ILE F 410 -18.52 6.50 28.48
CA ILE F 410 -17.26 7.07 28.03
C ILE F 410 -16.64 7.92 29.14
N GLY F 411 -17.44 8.77 29.76
CA GLY F 411 -16.93 9.54 30.88
C GLY F 411 -16.43 8.65 32.00
N LEU F 412 -17.15 7.56 32.27
CA LEU F 412 -16.75 6.66 33.34
C LEU F 412 -15.40 6.01 33.06
N ARG F 413 -15.20 5.50 31.84
CA ARG F 413 -13.94 4.83 31.57
C ARG F 413 -12.79 5.83 31.38
N LEU F 414 -13.09 7.07 30.99
CA LEU F 414 -12.07 8.10 31.04
C LEU F 414 -11.80 8.56 32.47
N ARG F 415 -12.72 8.28 33.39
CA ARG F 415 -12.53 8.64 34.79
C ARG F 415 -11.55 7.71 35.49
N ARG F 416 -11.46 6.45 35.06
CA ARG F 416 -10.48 5.54 35.64
C ARG F 416 -9.08 6.03 35.33
N GLU F 417 -8.39 6.51 36.36
CA GLU F 417 -7.06 7.10 36.20
C GLU F 417 -6.17 6.62 37.34
N ARG F 418 -4.87 6.57 37.06
CA ARG F 418 -3.87 6.16 38.05
C ARG F 418 -4.24 4.81 38.64
N ARG F 448 -9.69 12.79 28.86
CA ARG F 448 -9.40 14.13 29.37
C ARG F 448 -10.69 14.80 29.81
N ARG F 449 -10.57 15.73 30.76
CA ARG F 449 -11.74 16.35 31.38
C ARG F 449 -12.57 17.10 30.35
N GLN F 450 -11.90 17.84 29.46
CA GLN F 450 -12.63 18.58 28.44
C GLN F 450 -13.49 17.64 27.60
N VAL F 451 -12.99 16.43 27.32
CA VAL F 451 -13.80 15.47 26.57
C VAL F 451 -15.05 15.11 27.35
N THR F 452 -14.90 14.82 28.64
CA THR F 452 -16.05 14.42 29.45
C THR F 452 -17.09 15.54 29.52
N LYS F 453 -16.64 16.79 29.55
CA LYS F 453 -17.59 17.90 29.54
C LYS F 453 -18.25 18.03 28.16
N MET F 454 -17.45 17.99 27.10
CA MET F 454 -17.95 18.23 25.76
C MET F 454 -18.98 17.17 25.35
N LEU F 455 -18.81 15.93 25.79
CA LEU F 455 -19.76 14.89 25.42
C LEU F 455 -21.17 15.25 25.88
N PHE F 456 -21.31 15.69 27.13
CA PHE F 456 -22.63 16.05 27.61
C PHE F 456 -23.06 17.42 27.12
N VAL F 457 -22.12 18.27 26.74
CA VAL F 457 -22.49 19.46 25.97
C VAL F 457 -23.17 19.04 24.68
N LEU F 458 -22.64 18.00 24.02
CA LEU F 458 -23.26 17.49 22.79
C LEU F 458 -24.65 16.98 23.07
N VAL F 459 -24.82 16.20 24.14
CA VAL F 459 -26.14 15.66 24.46
C VAL F 459 -27.13 16.78 24.72
N VAL F 460 -26.71 17.79 25.49
CA VAL F 460 -27.59 18.90 25.82
C VAL F 460 -27.96 19.68 24.56
N VAL F 461 -26.99 19.91 23.68
CA VAL F 461 -27.29 20.63 22.44
C VAL F 461 -28.28 19.84 21.59
N PHE F 462 -28.07 18.52 21.49
CA PHE F 462 -29.02 17.70 20.76
C PHE F 462 -30.42 17.83 21.32
N GLY F 463 -30.56 17.77 22.64
CA GLY F 463 -31.86 17.93 23.25
C GLY F 463 -32.48 19.28 22.95
N ILE F 464 -31.75 20.35 23.24
CA ILE F 464 -32.28 21.70 23.03
C ILE F 464 -32.69 21.90 21.59
N CYS F 465 -31.95 21.32 20.65
CA CYS F 465 -32.16 21.65 19.25
C CYS F 465 -33.24 20.79 18.60
N TRP F 466 -33.40 19.54 19.00
CA TRP F 466 -34.40 18.69 18.38
C TRP F 466 -35.70 18.59 19.16
N ALA F 467 -35.69 18.84 20.47
CA ALA F 467 -36.95 18.85 21.21
C ALA F 467 -37.94 19.86 20.64
N PRO F 468 -37.54 21.09 20.29
CA PRO F 468 -38.52 22.01 19.70
C PRO F 468 -39.09 21.54 18.37
N PHE F 469 -38.31 20.81 17.58
CA PHE F 469 -38.79 20.33 16.27
C PHE F 469 -39.93 19.34 16.45
N HIS F 470 -39.68 18.26 17.18
CA HIS F 470 -40.74 17.31 17.46
C HIS F 470 -41.82 17.95 18.32
N ALA F 471 -41.47 18.96 19.10
CA ALA F 471 -42.50 19.70 19.82
C ALA F 471 -43.47 20.35 18.85
N ASP F 472 -42.96 21.01 17.81
CA ASP F 472 -43.82 21.58 16.78
C ASP F 472 -44.71 20.53 16.17
N ARG F 473 -44.10 19.43 15.72
CA ARG F 473 -44.88 18.44 14.99
C ARG F 473 -45.95 17.82 15.87
N VAL F 474 -45.61 17.44 17.10
CA VAL F 474 -46.59 16.86 18.01
C VAL F 474 -47.67 17.87 18.34
N MET F 475 -47.29 19.12 18.63
CA MET F 475 -48.28 20.12 18.99
C MET F 475 -49.29 20.31 17.88
N TRP F 476 -48.82 20.37 16.63
CA TRP F 476 -49.77 20.48 15.52
C TRP F 476 -50.60 19.23 15.37
N SER F 477 -50.02 18.04 15.61
CA SER F 477 -50.77 16.81 15.41
C SER F 477 -51.84 16.61 16.47
N VAL F 478 -51.65 17.16 17.66
CA VAL F 478 -52.57 16.91 18.76
C VAL F 478 -53.70 17.93 18.84
N VAL F 479 -53.51 19.15 18.36
CA VAL F 479 -54.57 20.15 18.40
C VAL F 479 -55.62 19.82 17.36
N ASP F 484 -58.04 25.78 16.54
CA ASP F 484 -58.95 25.66 17.67
C ASP F 484 -58.74 26.79 18.69
N GLY F 485 -58.40 27.98 18.20
CA GLY F 485 -58.21 29.13 19.05
C GLY F 485 -56.90 29.17 19.80
N LEU F 486 -56.28 28.01 20.03
CA LEU F 486 -54.99 27.93 20.71
C LEU F 486 -53.82 28.32 19.81
N HIS F 487 -54.04 28.35 18.49
CA HIS F 487 -52.95 28.38 17.53
C HIS F 487 -52.04 29.59 17.66
N LEU F 488 -52.35 30.56 18.53
CA LEU F 488 -51.37 31.60 18.84
C LEU F 488 -50.15 31.02 19.55
N ALA F 489 -50.39 30.10 20.47
CA ALA F 489 -49.30 29.40 21.13
C ALA F 489 -48.45 28.67 20.10
N PHE F 490 -49.10 28.00 19.15
CA PHE F 490 -48.34 27.34 18.09
C PHE F 490 -47.60 28.36 17.24
N GLN F 491 -48.17 29.54 17.06
CA GLN F 491 -47.49 30.57 16.28
C GLN F 491 -46.18 30.95 16.92
N HIS F 492 -46.16 31.06 18.25
CA HIS F 492 -44.89 31.33 18.93
C HIS F 492 -43.98 30.12 18.90
N VAL F 493 -44.54 28.93 19.13
CA VAL F 493 -43.75 27.70 19.25
C VAL F 493 -42.99 27.46 17.96
N HIS F 494 -43.66 27.61 16.83
CA HIS F 494 -43.02 27.31 15.55
C HIS F 494 -41.81 28.19 15.33
N VAL F 495 -41.90 29.48 15.62
CA VAL F 495 -40.79 30.38 15.36
C VAL F 495 -39.63 30.08 16.30
N ILE F 496 -39.92 29.93 17.59
CA ILE F 496 -38.83 29.68 18.54
C ILE F 496 -38.17 28.33 18.24
N SER F 497 -38.98 27.32 17.91
CA SER F 497 -38.44 26.01 17.58
C SER F 497 -37.59 26.08 16.32
N GLY F 498 -38.00 26.88 15.35
CA GLY F 498 -37.15 27.08 14.18
C GLY F 498 -35.81 27.67 14.57
N ILE F 499 -35.83 28.69 15.44
CA ILE F 499 -34.57 29.31 15.86
C ILE F 499 -33.66 28.26 16.48
N PHE F 500 -34.19 27.48 17.43
CA PHE F 500 -33.36 26.49 18.12
C PHE F 500 -32.89 25.38 17.17
N PHE F 501 -33.79 24.88 16.32
CA PHE F 501 -33.44 23.77 15.44
C PHE F 501 -32.36 24.17 14.45
N TYR F 502 -32.49 25.36 13.83
CA TYR F 502 -31.47 25.77 12.89
C TYR F 502 -30.19 26.21 13.60
N LEU F 503 -30.30 26.69 14.84
CA LEU F 503 -29.09 26.94 15.62
C LEU F 503 -28.33 25.64 15.84
N GLY F 504 -29.05 24.55 16.12
CA GLY F 504 -28.40 23.25 16.20
C GLY F 504 -27.79 22.82 14.88
N SER F 505 -28.54 23.00 13.80
CA SER F 505 -28.02 22.65 12.48
C SER F 505 -26.77 23.43 12.14
N ALA F 506 -26.62 24.63 12.69
CA ALA F 506 -25.40 25.41 12.49
C ALA F 506 -24.30 25.07 13.49
N ALA F 507 -24.67 24.64 14.69
CA ALA F 507 -23.70 24.39 15.75
C ALA F 507 -23.06 23.03 15.64
N ASN F 508 -23.73 22.06 15.01
CA ASN F 508 -23.15 20.71 14.94
C ASN F 508 -21.71 20.74 14.42
N PRO F 509 -21.38 21.46 13.36
CA PRO F 509 -19.98 21.53 12.95
C PRO F 509 -19.04 22.01 14.04
N VAL F 510 -19.38 23.09 14.72
CA VAL F 510 -18.49 23.64 15.74
C VAL F 510 -18.23 22.61 16.83
N LEU F 511 -19.29 21.94 17.28
CA LEU F 511 -19.14 20.96 18.35
C LEU F 511 -18.32 19.76 17.89
N TYR F 512 -18.62 19.23 16.70
CA TYR F 512 -18.09 17.92 16.34
C TYR F 512 -16.76 17.94 15.61
N SER F 513 -16.49 18.95 14.77
CA SER F 513 -15.30 18.90 13.94
C SER F 513 -14.35 20.08 14.17
N LEU F 514 -14.89 21.30 14.17
CA LEU F 514 -14.02 22.47 14.07
C LEU F 514 -13.21 22.72 15.33
N MET F 515 -13.78 22.49 16.50
CA MET F 515 -13.04 22.76 17.73
C MET F 515 -12.08 21.64 18.09
N SER F 516 -12.02 20.58 17.31
CA SER F 516 -11.14 19.46 17.61
C SER F 516 -9.68 19.85 17.38
N SER F 517 -8.79 19.15 18.08
CA SER F 517 -7.37 19.40 17.95
C SER F 517 -6.92 19.27 16.50
N ARG F 518 -7.40 18.24 15.80
CA ARG F 518 -6.96 18.01 14.43
C ARG F 518 -7.28 19.20 13.53
N PHE F 519 -8.50 19.72 13.60
CA PHE F 519 -8.90 20.80 12.72
C PHE F 519 -8.20 22.10 13.09
N ARG F 520 -8.06 22.38 14.38
CA ARG F 520 -7.36 23.58 14.79
C ARG F 520 -5.93 23.60 14.25
N GLU F 521 -5.32 22.44 14.08
CA GLU F 521 -3.96 22.35 13.59
C GLU F 521 -3.83 22.45 12.08
N THR F 522 -4.93 22.50 11.34
CA THR F 522 -4.87 22.54 9.88
C THR F 522 -5.57 23.75 9.27
N PHE F 523 -6.08 24.67 10.08
CA PHE F 523 -6.74 25.86 9.55
C PHE F 523 -5.73 26.76 8.85
#